data_3GOR
#
_entry.id   3GOR
#
_cell.length_a   68.477
_cell.length_b   71.470
_cell.length_c   123.256
_cell.angle_alpha   90.000
_cell.angle_beta   90.000
_cell.angle_gamma   90.000
#
_symmetry.space_group_name_H-M   'P 21 21 21'
#
loop_
_entity.id
_entity.type
_entity.pdbx_description
1 polymer 'Putative metal-dependent hydrolase'
2 non-polymer 'NICKEL (II) ION'
3 water water
#
_entity_poly.entity_id   1
_entity_poly.type   'polypeptide(L)'
_entity_poly.pdbx_seq_one_letter_code
;SNA(MSE)SRAKKWVQYFLSHRHVT(MSE)ELIHKIDEAHYDYKPTPTS(MSE)TAKQLATH(MSE)LFSFYNFANTAKH
GDPSLFRQKIEEPETNLAKLAETYTEKTRQLIES(MSE)SDDDFDRTLDLTAIFGTQ(MSE)STAQFLQLA(MSE)DHEI
HHKGQLFVYVRG(MSE)GHTDLPLFVKRG
;
_entity_poly.pdbx_strand_id   A,B,C,D
#
loop_
_chem_comp.id
_chem_comp.type
_chem_comp.name
_chem_comp.formula
NI non-polymer 'NICKEL (II) ION' 'Ni 2'
#
# COMPACT_ATOMS: atom_id res chain seq x y z
N SER A 1 -3.81 29.92 32.54
CA SER A 1 -4.95 30.43 31.80
C SER A 1 -5.47 29.44 30.76
N ASN A 2 -4.75 28.34 30.61
CA ASN A 2 -5.21 27.18 29.83
C ASN A 2 -4.62 27.21 28.43
N ALA A 3 -3.30 27.04 28.35
CA ALA A 3 -2.59 27.18 27.08
C ALA A 3 -3.08 26.20 26.00
N MSE A 4 -3.63 25.06 26.43
CA MSE A 4 -4.10 24.08 25.47
C MSE A 4 -5.60 24.09 25.25
O MSE A 4 -6.09 23.28 24.46
CB MSE A 4 -3.71 22.67 25.89
CG MSE A 4 -2.29 22.33 25.59
SE MSE A 4 -1.65 21.53 27.22
CE MSE A 4 -2.30 22.91 28.42
N SER A 5 -6.32 24.96 25.95
CA SER A 5 -7.77 24.99 25.79
C SER A 5 -8.18 23.54 25.81
N ARG A 6 -7.83 22.84 26.87
CA ARG A 6 -8.20 21.44 26.90
C ARG A 6 -9.70 21.31 26.93
N ALA A 7 -10.34 21.98 27.88
CA ALA A 7 -11.79 21.94 27.95
C ALA A 7 -12.40 22.17 26.59
N LYS A 8 -11.97 23.24 25.93
CA LYS A 8 -12.57 23.64 24.65
C LYS A 8 -12.37 22.56 23.57
N LYS A 9 -11.24 21.89 23.62
CA LYS A 9 -10.97 20.78 22.69
C LYS A 9 -11.89 19.61 22.98
N TRP A 10 -12.01 19.26 24.26
CA TRP A 10 -12.88 18.18 24.67
C TRP A 10 -14.32 18.48 24.30
N VAL A 11 -14.73 19.72 24.48
CA VAL A 11 -16.10 20.09 24.19
C VAL A 11 -16.37 19.90 22.71
N GLN A 12 -15.41 20.30 21.88
CA GLN A 12 -15.60 20.19 20.45
C GLN A 12 -15.68 18.71 20.07
N TYR A 13 -14.87 17.91 20.71
CA TYR A 13 -14.82 16.48 20.47
C TYR A 13 -16.17 15.88 20.90
N PHE A 14 -16.62 16.27 22.07
CA PHE A 14 -17.92 15.80 22.59
C PHE A 14 -19.04 16.12 21.60
N LEU A 15 -19.13 17.38 21.19
CA LEU A 15 -20.20 17.83 20.32
C LEU A 15 -20.14 17.23 18.93
N SER A 16 -18.95 16.90 18.45
CA SER A 16 -18.85 16.35 17.12
C SER A 16 -19.60 15.02 17.06
N HIS A 17 -19.71 14.37 18.22
CA HIS A 17 -20.48 13.14 18.34
C HIS A 17 -21.91 13.35 18.86
N ARG A 18 -22.03 14.05 19.97
CA ARG A 18 -23.35 14.32 20.56
C ARG A 18 -24.32 15.00 19.58
N HIS A 19 -23.84 15.85 18.67
CA HIS A 19 -24.74 16.48 17.69
C HIS A 19 -25.38 15.45 16.80
N VAL A 20 -24.62 14.44 16.41
CA VAL A 20 -25.17 13.34 15.62
C VAL A 20 -26.17 12.56 16.46
N THR A 21 -25.84 12.34 17.73
CA THR A 21 -26.74 11.62 18.61
C THR A 21 -28.08 12.33 18.63
N MSE A 22 -28.04 13.64 18.70
CA MSE A 22 -29.24 14.45 18.78
C MSE A 22 -30.03 14.41 17.48
O MSE A 22 -31.26 14.37 17.50
CB MSE A 22 -28.87 15.87 19.14
CG MSE A 22 -29.68 16.42 20.28
SE MSE A 22 -28.53 17.48 21.40
CE MSE A 22 -27.72 18.62 20.02
N GLU A 23 -29.33 14.43 16.35
CA GLU A 23 -29.99 14.32 15.06
C GLU A 23 -30.77 13.01 14.97
N LEU A 24 -30.15 11.94 15.46
CA LEU A 24 -30.77 10.62 15.47
C LEU A 24 -31.99 10.61 16.39
N ILE A 25 -31.84 11.22 17.56
CA ILE A 25 -32.93 11.25 18.53
C ILE A 25 -34.18 11.93 17.98
N HIS A 26 -33.99 12.98 17.18
CA HIS A 26 -35.10 13.70 16.58
C HIS A 26 -35.88 12.87 15.56
N LYS A 27 -35.23 11.87 14.98
CA LYS A 27 -35.93 10.98 14.06
C LYS A 27 -36.82 9.95 14.76
N ILE A 28 -36.77 9.93 16.09
CA ILE A 28 -37.54 8.96 16.88
C ILE A 28 -38.81 9.57 17.44
N ASP A 29 -39.94 9.24 16.82
CA ASP A 29 -41.22 9.75 17.31
C ASP A 29 -41.74 8.90 18.48
N GLU A 30 -42.66 9.48 19.25
CA GLU A 30 -43.22 8.83 20.43
C GLU A 30 -43.65 7.39 20.14
N ALA A 31 -44.09 7.15 18.91
CA ALA A 31 -44.60 5.84 18.52
C ALA A 31 -43.52 4.78 18.56
N HIS A 32 -42.26 5.21 18.44
CA HIS A 32 -41.13 4.29 18.45
C HIS A 32 -40.28 4.35 19.72
N TYR A 33 -40.73 5.13 20.70
CA TYR A 33 -39.99 5.25 21.95
C TYR A 33 -39.64 3.88 22.52
N ASP A 34 -40.55 2.92 22.37
CA ASP A 34 -40.36 1.60 22.95
C ASP A 34 -39.89 0.55 21.93
N TYR A 35 -39.42 1.00 20.78
CA TYR A 35 -38.88 0.08 19.78
C TYR A 35 -37.65 -0.66 20.29
N LYS A 36 -37.51 -1.93 19.90
CA LYS A 36 -36.36 -2.76 20.26
C LYS A 36 -36.01 -3.66 19.09
N PRO A 37 -34.73 -3.63 18.68
CA PRO A 37 -34.28 -4.44 17.54
C PRO A 37 -34.42 -5.92 17.85
N THR A 38 -34.21 -6.26 19.11
CA THR A 38 -34.29 -7.65 19.56
C THR A 38 -35.06 -7.69 20.86
N PRO A 39 -35.57 -8.87 21.22
CA PRO A 39 -36.38 -8.99 22.43
C PRO A 39 -35.60 -8.68 23.69
N THR A 40 -34.28 -8.83 23.64
CA THR A 40 -33.44 -8.58 24.82
C THR A 40 -32.69 -7.26 24.79
N SER A 41 -33.00 -6.41 23.81
CA SER A 41 -32.33 -5.11 23.71
C SER A 41 -33.10 -4.04 24.49
N MSE A 42 -32.40 -2.98 24.87
CA MSE A 42 -33.02 -1.78 25.40
C MSE A 42 -34.00 -1.16 24.38
O MSE A 42 -33.80 -1.29 23.17
CB MSE A 42 -31.97 -0.72 25.72
CG MSE A 42 -31.36 -0.81 27.11
SE MSE A 42 -29.92 0.53 27.44
CE MSE A 42 -28.49 -0.33 26.41
N THR A 43 -35.03 -0.49 24.87
CA THR A 43 -35.89 0.29 23.97
C THR A 43 -35.11 1.51 23.50
N ALA A 44 -35.54 2.09 22.40
CA ALA A 44 -34.92 3.31 21.89
C ALA A 44 -34.89 4.39 22.95
N LYS A 45 -35.98 4.56 23.69
CA LYS A 45 -36.02 5.57 24.74
C LYS A 45 -35.03 5.26 25.85
N GLN A 46 -34.92 3.98 26.21
CA GLN A 46 -34.00 3.56 27.25
C GLN A 46 -32.58 3.84 26.83
N LEU A 47 -32.26 3.51 25.58
CA LEU A 47 -30.92 3.68 25.04
C LEU A 47 -30.50 5.16 25.04
N ALA A 48 -31.37 6.00 24.50
CA ALA A 48 -31.12 7.42 24.38
C ALA A 48 -30.97 8.05 25.74
N THR A 49 -31.80 7.60 26.67
CA THR A 49 -31.79 8.15 28.02
C THR A 49 -30.49 7.77 28.71
N HIS A 50 -30.10 6.51 28.54
CA HIS A 50 -28.90 5.99 29.16
C HIS A 50 -27.67 6.77 28.70
N MSE A 51 -27.64 7.14 27.41
CA MSE A 51 -26.52 7.91 26.87
C MSE A 51 -26.44 9.29 27.48
O MSE A 51 -25.38 9.75 27.90
CB MSE A 51 -26.64 8.05 25.35
CG MSE A 51 -26.56 6.74 24.60
SE MSE A 51 -26.98 6.98 22.70
CE MSE A 51 -25.47 8.13 22.18
N LEU A 52 -27.58 9.96 27.54
CA LEU A 52 -27.64 11.30 28.09
C LEU A 52 -27.21 11.30 29.54
N PHE A 53 -27.81 10.44 30.34
CA PHE A 53 -27.52 10.43 31.77
C PHE A 53 -26.12 9.95 32.08
N SER A 54 -25.70 8.85 31.45
CA SER A 54 -24.39 8.32 31.75
C SER A 54 -23.32 9.37 31.49
N PHE A 55 -23.40 10.05 30.35
CA PHE A 55 -22.38 11.04 30.04
C PHE A 55 -22.38 12.19 31.03
N TYR A 56 -23.58 12.66 31.38
CA TYR A 56 -23.70 13.68 32.40
C TYR A 56 -22.98 13.26 33.68
N ASN A 57 -23.09 11.99 34.07
CA ASN A 57 -22.44 11.50 35.28
C ASN A 57 -20.91 11.52 35.15
N PHE A 58 -20.40 11.10 34.00
CA PHE A 58 -18.97 11.17 33.74
C PHE A 58 -18.46 12.60 33.88
N ALA A 59 -19.13 13.54 33.21
CA ALA A 59 -18.71 14.93 33.24
C ALA A 59 -18.83 15.48 34.64
N ASN A 60 -19.96 15.23 35.28
CA ASN A 60 -20.17 15.67 36.65
C ASN A 60 -19.03 15.24 37.54
N THR A 61 -18.70 13.95 37.45
CA THR A 61 -17.66 13.36 38.29
C THR A 61 -16.33 13.97 37.95
N ALA A 62 -16.09 14.14 36.65
CA ALA A 62 -14.81 14.68 36.18
C ALA A 62 -14.61 16.09 36.67
N LYS A 63 -15.65 16.91 36.49
CA LYS A 63 -15.62 18.31 36.86
C LYS A 63 -15.28 18.49 38.33
N HIS A 64 -15.94 17.72 39.19
CA HIS A 64 -15.75 17.87 40.63
C HIS A 64 -14.74 16.91 41.21
N GLY A 65 -14.04 16.19 40.36
CA GLY A 65 -13.05 15.21 40.80
C GLY A 65 -13.58 14.29 41.88
N ASP A 66 -14.90 14.05 41.89
CA ASP A 66 -15.54 13.26 42.93
C ASP A 66 -16.21 11.98 42.41
N PRO A 67 -15.57 10.84 42.63
CA PRO A 67 -16.03 9.52 42.17
C PRO A 67 -17.39 9.11 42.73
N SER A 68 -17.80 9.65 43.86
CA SER A 68 -19.07 9.27 44.46
C SER A 68 -20.23 9.73 43.58
N LEU A 69 -20.06 10.88 42.94
CA LEU A 69 -21.06 11.43 42.02
C LEU A 69 -21.43 10.48 40.89
N PHE A 70 -20.51 9.58 40.53
CA PHE A 70 -20.66 8.81 39.30
C PHE A 70 -21.94 7.98 39.20
N ARG A 71 -22.32 7.29 40.27
CA ARG A 71 -23.52 6.46 40.19
C ARG A 71 -24.71 7.07 40.91
N GLN A 72 -24.63 8.37 41.14
CA GLN A 72 -25.75 9.14 41.66
C GLN A 72 -26.93 9.05 40.69
N LYS A 73 -28.06 8.54 41.18
CA LYS A 73 -29.24 8.36 40.33
C LYS A 73 -29.85 9.67 39.87
N ILE A 74 -30.07 9.78 38.57
CA ILE A 74 -30.72 10.96 38.00
C ILE A 74 -32.20 10.72 37.89
N GLU A 75 -33.00 11.57 38.53
CA GLU A 75 -34.44 11.48 38.43
C GLU A 75 -34.96 12.65 37.62
N GLU A 76 -35.54 12.35 36.46
CA GLU A 76 -35.98 13.40 35.56
C GLU A 76 -37.35 13.09 34.98
N PRO A 77 -38.29 14.02 35.14
CA PRO A 77 -39.70 13.88 34.78
C PRO A 77 -39.96 14.08 33.30
N GLU A 78 -38.96 14.57 32.57
CA GLU A 78 -39.17 15.18 31.26
C GLU A 78 -40.07 14.42 30.28
N THR A 79 -39.83 13.13 30.09
CA THR A 79 -40.67 12.30 29.21
C THR A 79 -40.38 12.49 27.72
N ASN A 80 -40.45 13.72 27.24
CA ASN A 80 -40.11 14.01 25.86
C ASN A 80 -38.60 13.92 25.60
N LEU A 81 -38.20 12.89 24.87
CA LEU A 81 -36.80 12.62 24.59
C LEU A 81 -36.03 13.85 24.11
N ALA A 82 -36.52 14.46 23.03
CA ALA A 82 -35.80 15.56 22.40
C ALA A 82 -35.48 16.67 23.39
N LYS A 83 -36.44 17.02 24.22
CA LYS A 83 -36.22 18.10 25.18
C LYS A 83 -35.21 17.65 26.20
N LEU A 84 -35.40 16.43 26.68
CA LEU A 84 -34.45 15.82 27.59
C LEU A 84 -33.04 15.87 27.00
N ALA A 85 -32.92 15.54 25.73
CA ALA A 85 -31.64 15.50 25.05
C ALA A 85 -30.97 16.86 25.09
N GLU A 86 -31.69 17.90 24.69
CA GLU A 86 -31.12 19.24 24.62
C GLU A 86 -30.75 19.74 26.02
N THR A 87 -31.58 19.42 27.00
CA THR A 87 -31.33 19.85 28.37
C THR A 87 -30.01 19.28 28.87
N TYR A 88 -29.86 17.95 28.79
CA TYR A 88 -28.68 17.29 29.31
C TYR A 88 -27.43 17.47 28.47
N THR A 89 -27.61 17.76 27.19
CA THR A 89 -26.47 18.07 26.35
C THR A 89 -25.86 19.39 26.79
N GLU A 90 -26.73 20.34 27.14
CA GLU A 90 -26.27 21.65 27.59
C GLU A 90 -25.62 21.55 28.97
N LYS A 91 -26.22 20.78 29.87
CA LYS A 91 -25.64 20.61 31.19
C LYS A 91 -24.27 19.98 31.06
N THR A 92 -24.17 18.92 30.26
CA THR A 92 -22.92 18.23 30.04
C THR A 92 -21.86 19.15 29.45
N ARG A 93 -22.24 19.92 28.43
CA ARG A 93 -21.33 20.86 27.76
C ARG A 93 -20.75 21.87 28.76
N GLN A 94 -21.62 22.40 29.61
CA GLN A 94 -21.21 23.41 30.56
C GLN A 94 -20.25 22.87 31.63
N LEU A 95 -20.52 21.67 32.12
CA LEU A 95 -19.65 21.04 33.09
C LEU A 95 -18.22 20.94 32.54
N ILE A 96 -18.10 20.40 31.34
CA ILE A 96 -16.79 20.19 30.72
C ILE A 96 -16.10 21.52 30.43
N GLU A 97 -16.87 22.48 29.93
CA GLU A 97 -16.30 23.76 29.56
C GLU A 97 -15.73 24.51 30.75
N SER A 98 -16.21 24.19 31.95
CA SER A 98 -15.85 24.93 33.14
C SER A 98 -14.61 24.36 33.81
N MSE A 99 -13.96 23.41 33.14
CA MSE A 99 -12.81 22.75 33.72
C MSE A 99 -11.50 23.43 33.35
O MSE A 99 -11.33 23.91 32.22
CB MSE A 99 -12.76 21.29 33.29
CG MSE A 99 -13.85 20.43 33.90
SE MSE A 99 -13.79 18.61 33.23
CE MSE A 99 -12.04 18.06 33.90
N SER A 100 -10.57 23.48 34.30
CA SER A 100 -9.22 24.00 34.03
C SER A 100 -8.40 22.90 33.38
N ASP A 101 -7.21 23.23 32.90
CA ASP A 101 -6.39 22.26 32.20
C ASP A 101 -5.72 21.27 33.14
N ASP A 102 -5.53 21.67 34.40
CA ASP A 102 -4.97 20.78 35.41
C ASP A 102 -5.99 19.74 35.85
N ASP A 103 -7.26 20.11 35.80
CA ASP A 103 -8.34 19.19 36.16
C ASP A 103 -8.25 17.90 35.34
N PHE A 104 -7.85 18.06 34.08
CA PHE A 104 -7.73 16.91 33.18
C PHE A 104 -6.58 16.00 33.56
N ASP A 105 -5.74 16.44 34.48
CA ASP A 105 -4.62 15.62 34.96
C ASP A 105 -4.88 14.99 36.32
N ARG A 106 -5.93 15.46 36.98
CA ARG A 106 -6.27 14.96 38.30
C ARG A 106 -6.51 13.46 38.22
N THR A 107 -6.08 12.75 39.25
CA THR A 107 -6.27 11.31 39.33
C THR A 107 -7.57 10.98 40.05
N LEU A 108 -8.35 10.06 39.46
CA LEU A 108 -9.61 9.66 40.05
C LEU A 108 -9.52 8.27 40.64
N ASP A 109 -9.92 8.14 41.90
CA ASP A 109 -9.89 6.86 42.58
C ASP A 109 -11.17 6.07 42.31
N LEU A 110 -11.10 5.19 41.33
CA LEU A 110 -12.30 4.52 40.85
C LEU A 110 -12.26 3.00 41.06
N THR A 111 -11.42 2.55 41.99
CA THR A 111 -11.30 1.12 42.22
C THR A 111 -12.65 0.51 42.57
N ALA A 112 -13.42 1.22 43.40
CA ALA A 112 -14.71 0.73 43.84
C ALA A 112 -15.64 0.48 42.66
N ILE A 113 -15.31 1.08 41.52
CA ILE A 113 -16.23 1.11 40.38
C ILE A 113 -15.69 0.42 39.14
N PHE A 114 -14.52 0.84 38.69
CA PHE A 114 -13.84 0.18 37.57
C PHE A 114 -12.69 -0.69 38.07
N GLY A 115 -12.56 -0.80 39.38
CA GLY A 115 -11.46 -1.52 40.00
C GLY A 115 -10.11 -0.97 39.58
N THR A 116 -9.98 0.35 39.57
CA THR A 116 -8.74 0.97 39.09
C THR A 116 -8.74 2.50 39.20
N GLN A 117 -7.54 3.06 39.33
CA GLN A 117 -7.38 4.51 39.33
C GLN A 117 -7.03 4.96 37.93
N MSE A 118 -7.25 6.25 37.65
CA MSE A 118 -7.35 6.70 36.28
C MSE A 118 -7.25 8.20 36.25
O MSE A 118 -7.77 8.88 37.12
CB MSE A 118 -8.74 6.29 35.78
CG MSE A 118 -8.96 6.35 34.30
SE MSE A 118 -10.68 5.52 33.94
CE MSE A 118 -10.43 3.83 34.90
N SER A 119 -6.57 8.73 35.23
CA SER A 119 -6.54 10.18 35.06
C SER A 119 -7.91 10.65 34.58
N THR A 120 -8.26 11.89 34.89
CA THR A 120 -9.52 12.44 34.45
C THR A 120 -9.67 12.40 32.93
N ALA A 121 -8.56 12.50 32.22
CA ALA A 121 -8.61 12.50 30.77
C ALA A 121 -8.92 11.11 30.22
N GLN A 122 -8.33 10.08 30.82
CA GLN A 122 -8.64 8.70 30.44
C GLN A 122 -10.10 8.37 30.75
N PHE A 123 -10.57 8.91 31.86
CA PHE A 123 -11.94 8.76 32.30
C PHE A 123 -12.89 9.39 31.29
N LEU A 124 -12.56 10.61 30.84
CA LEU A 124 -13.38 11.27 29.84
C LEU A 124 -13.32 10.55 28.50
N GLN A 125 -12.17 9.93 28.19
CA GLN A 125 -12.07 9.20 26.94
C GLN A 125 -13.00 8.00 27.00
N LEU A 126 -13.08 7.40 28.17
CA LEU A 126 -14.01 6.32 28.40
C LEU A 126 -15.45 6.78 28.17
N ALA A 127 -15.79 7.98 28.64
CA ALA A 127 -17.14 8.50 28.43
C ALA A 127 -17.44 8.64 26.95
N MSE A 128 -16.46 9.15 26.21
CA MSE A 128 -16.56 9.30 24.76
C MSE A 128 -16.73 7.98 24.06
O MSE A 128 -17.55 7.84 23.16
CB MSE A 128 -15.32 10.01 24.23
CG MSE A 128 -15.32 11.49 24.52
SE MSE A 128 -16.82 12.44 23.68
CE MSE A 128 -16.81 11.67 21.88
N ASP A 129 -15.93 6.99 24.46
CA ASP A 129 -16.01 5.67 23.87
C ASP A 129 -17.40 5.10 24.11
N HIS A 130 -17.94 5.39 25.28
CA HIS A 130 -19.23 4.86 25.67
C HIS A 130 -20.33 5.50 24.78
N GLU A 131 -20.32 6.83 24.70
CA GLU A 131 -21.19 7.54 23.77
C GLU A 131 -21.10 7.04 22.32
N ILE A 132 -19.88 6.93 21.81
CA ILE A 132 -19.70 6.48 20.44
C ILE A 132 -20.23 5.06 20.26
N HIS A 133 -19.98 4.23 21.26
CA HIS A 133 -20.44 2.85 21.25
C HIS A 133 -21.97 2.79 21.14
N HIS A 134 -22.67 3.52 22.00
CA HIS A 134 -24.12 3.50 21.97
C HIS A 134 -24.73 4.20 20.75
N LYS A 135 -24.07 5.25 20.25
CA LYS A 135 -24.54 5.92 19.05
C LYS A 135 -24.49 4.95 17.88
N GLY A 136 -23.50 4.07 17.88
CA GLY A 136 -23.42 3.05 16.84
C GLY A 136 -24.67 2.18 16.86
N GLN A 137 -25.12 1.81 18.05
CA GLN A 137 -26.33 1.01 18.21
C GLN A 137 -27.56 1.78 17.80
N LEU A 138 -27.61 3.05 18.23
CA LEU A 138 -28.72 3.91 17.89
C LEU A 138 -28.92 3.95 16.38
N PHE A 139 -27.83 3.97 15.62
CA PHE A 139 -27.91 3.91 14.18
C PHE A 139 -28.67 2.68 13.70
N VAL A 140 -28.39 1.53 14.30
CA VAL A 140 -29.12 0.33 13.91
C VAL A 140 -30.61 0.47 14.26
N TYR A 141 -30.90 1.01 15.44
CA TYR A 141 -32.29 1.20 15.86
C TYR A 141 -33.03 2.01 14.81
N VAL A 142 -32.51 3.20 14.56
CA VAL A 142 -33.16 4.14 13.67
C VAL A 142 -33.40 3.57 12.27
N ARG A 143 -32.43 2.86 11.68
CA ARG A 143 -32.67 2.21 10.39
C ARG A 143 -33.79 1.18 10.51
N GLY A 144 -33.81 0.47 11.63
CA GLY A 144 -34.83 -0.52 11.90
C GLY A 144 -36.22 0.07 11.89
N MSE A 145 -36.34 1.32 12.35
CA MSE A 145 -37.63 2.00 12.39
C MSE A 145 -38.03 2.45 11.01
O MSE A 145 -39.18 2.85 10.77
CB MSE A 145 -37.55 3.21 13.31
CG MSE A 145 -37.19 2.88 14.74
SE MSE A 145 -36.81 4.51 15.70
CE MSE A 145 -36.29 3.73 17.40
N GLY A 146 -37.09 2.40 10.08
CA GLY A 146 -37.38 2.69 8.69
C GLY A 146 -36.68 3.89 8.09
N HIS A 147 -35.94 4.65 8.90
CA HIS A 147 -35.25 5.85 8.39
C HIS A 147 -33.99 5.46 7.64
N THR A 148 -33.80 6.02 6.45
CA THR A 148 -32.70 5.61 5.59
C THR A 148 -31.68 6.72 5.33
N ASP A 149 -32.11 7.96 5.53
CA ASP A 149 -31.23 9.11 5.33
C ASP A 149 -30.57 9.49 6.63
N LEU A 150 -29.41 8.90 6.89
CA LEU A 150 -28.76 9.10 8.19
C LEU A 150 -27.52 9.96 8.06
N PRO A 151 -27.26 10.78 9.08
CA PRO A 151 -26.06 11.61 9.16
C PRO A 151 -24.81 10.75 9.19
N LEU A 152 -23.67 11.32 8.83
CA LEU A 152 -22.38 10.69 9.08
C LEU A 152 -22.23 10.47 10.58
N PHE A 153 -21.60 9.38 10.99
CA PHE A 153 -21.57 9.05 12.42
C PHE A 153 -20.92 10.14 13.27
N VAL A 154 -20.10 10.98 12.65
CA VAL A 154 -19.49 12.10 13.36
C VAL A 154 -19.49 13.36 12.51
N LYS A 155 -19.73 14.51 13.13
CA LYS A 155 -19.70 15.81 12.46
C LYS A 155 -18.30 16.42 12.51
N ARG A 156 -17.60 16.62 11.40
CA ARG A 156 -16.31 17.31 11.54
C ARG A 156 -16.42 18.84 11.36
N GLY A 157 -15.28 19.49 11.17
CA GLY A 157 -15.26 20.94 11.03
C GLY A 157 -14.63 21.64 12.21
N SER B 1 13.26 7.29 32.38
CA SER B 1 12.85 7.39 30.99
C SER B 1 11.38 6.92 30.88
N ASN B 2 10.73 7.26 29.78
CA ASN B 2 9.33 6.87 29.61
C ASN B 2 9.17 5.36 29.61
N ALA B 3 8.20 4.85 30.37
CA ALA B 3 7.94 3.42 30.37
C ALA B 3 7.45 2.92 29.01
N MSE B 4 6.63 3.71 28.33
CA MSE B 4 6.07 3.32 27.04
C MSE B 4 6.13 4.43 26.01
O MSE B 4 5.96 5.60 26.35
CB MSE B 4 4.59 2.96 27.20
CG MSE B 4 4.25 1.77 28.05
SE MSE B 4 2.29 1.55 27.98
CE MSE B 4 2.15 0.54 26.33
N SER B 5 6.32 4.08 24.75
CA SER B 5 6.15 5.05 23.65
C SER B 5 4.68 5.42 23.41
N ARG B 6 4.45 6.49 22.64
CA ARG B 6 3.13 6.84 22.15
C ARG B 6 2.54 5.65 21.41
N ALA B 7 3.31 5.11 20.47
CA ALA B 7 2.89 3.95 19.71
C ALA B 7 2.31 2.90 20.64
N LYS B 8 3.06 2.55 21.67
CA LYS B 8 2.65 1.50 22.59
C LYS B 8 1.34 1.82 23.32
N LYS B 9 1.13 3.10 23.61
CA LYS B 9 -0.11 3.55 24.23
C LYS B 9 -1.27 3.39 23.27
N TRP B 10 -1.05 3.80 22.02
CA TRP B 10 -2.09 3.71 20.99
C TRP B 10 -2.44 2.26 20.70
N VAL B 11 -1.43 1.40 20.70
CA VAL B 11 -1.65 -0.01 20.44
C VAL B 11 -2.51 -0.63 21.55
N GLN B 12 -2.21 -0.27 22.79
CA GLN B 12 -2.99 -0.79 23.91
C GLN B 12 -4.44 -0.29 23.82
N TYR B 13 -4.60 0.96 23.41
CA TYR B 13 -5.92 1.56 23.23
C TYR B 13 -6.66 0.84 22.09
N PHE B 14 -5.97 0.65 20.98
CA PHE B 14 -6.53 -0.09 19.85
C PHE B 14 -7.03 -1.48 20.25
N LEU B 15 -6.15 -2.25 20.89
CA LEU B 15 -6.45 -3.63 21.28
C LEU B 15 -7.54 -3.74 22.33
N SER B 16 -7.67 -2.74 23.19
CA SER B 16 -8.68 -2.79 24.24
C SER B 16 -10.06 -2.86 23.60
N HIS B 17 -10.16 -2.37 22.37
CA HIS B 17 -11.40 -2.40 21.60
C HIS B 17 -11.39 -3.51 20.58
N ARG B 18 -10.32 -3.62 19.80
CA ARG B 18 -10.26 -4.65 18.75
C ARG B 18 -10.40 -6.08 19.32
N HIS B 19 -9.93 -6.30 20.55
CA HIS B 19 -10.08 -7.62 21.14
C HIS B 19 -11.53 -7.96 21.32
N VAL B 20 -12.33 -6.98 21.71
CA VAL B 20 -13.75 -7.20 21.84
C VAL B 20 -14.36 -7.46 20.45
N THR B 21 -13.90 -6.70 19.46
CA THR B 21 -14.42 -6.87 18.11
C THR B 21 -14.21 -8.31 17.68
N MSE B 22 -13.04 -8.84 18.01
CA MSE B 22 -12.67 -10.18 17.62
C MSE B 22 -13.49 -11.25 18.35
O MSE B 22 -13.86 -12.27 17.79
CB MSE B 22 -11.19 -10.40 17.88
CG MSE B 22 -10.46 -10.99 16.71
SE MSE B 22 -8.67 -10.21 16.62
CE MSE B 22 -8.11 -10.41 18.46
N GLU B 23 -13.78 -10.98 19.62
CA GLU B 23 -14.61 -11.90 20.41
C GLU B 23 -16.01 -11.99 19.77
N LEU B 24 -16.55 -10.84 19.38
CA LEU B 24 -17.83 -10.77 18.70
C LEU B 24 -17.80 -11.50 17.36
N ILE B 25 -16.72 -11.32 16.60
CA ILE B 25 -16.61 -11.95 15.29
C ILE B 25 -16.62 -13.47 15.38
N HIS B 26 -16.03 -14.00 16.45
CA HIS B 26 -16.00 -15.45 16.67
C HIS B 26 -17.37 -16.05 16.96
N LYS B 27 -18.29 -15.23 17.45
CA LYS B 27 -19.66 -15.71 17.68
C LYS B 27 -20.49 -15.77 16.40
N ILE B 28 -19.93 -15.29 15.29
CA ILE B 28 -20.63 -15.29 14.02
C ILE B 28 -20.24 -16.47 13.13
N ASP B 29 -21.12 -17.47 13.03
CA ASP B 29 -20.88 -18.62 12.18
C ASP B 29 -21.26 -18.35 10.73
N GLU B 30 -20.72 -19.17 9.83
CA GLU B 30 -20.92 -18.97 8.40
C GLU B 30 -22.38 -18.77 8.07
N ALA B 31 -23.25 -19.41 8.84
CA ALA B 31 -24.68 -19.34 8.60
C ALA B 31 -25.23 -17.91 8.74
N HIS B 32 -24.56 -17.10 9.53
CA HIS B 32 -25.02 -15.75 9.79
C HIS B 32 -24.17 -14.69 9.10
N TYR B 33 -23.23 -15.12 8.26
CA TYR B 33 -22.35 -14.17 7.56
C TYR B 33 -23.16 -13.09 6.86
N ASP B 34 -24.31 -13.47 6.32
CA ASP B 34 -25.14 -12.55 5.55
C ASP B 34 -26.34 -12.00 6.33
N TYR B 35 -26.37 -12.21 7.64
CA TYR B 35 -27.39 -11.61 8.52
C TYR B 35 -27.43 -10.06 8.43
N LYS B 36 -28.63 -9.51 8.49
CA LYS B 36 -28.84 -8.07 8.50
C LYS B 36 -29.99 -7.74 9.43
N PRO B 37 -29.75 -6.81 10.37
CA PRO B 37 -30.80 -6.40 11.31
C PRO B 37 -31.95 -5.73 10.58
N THR B 38 -31.65 -5.01 9.51
CA THR B 38 -32.65 -4.32 8.72
C THR B 38 -32.39 -4.57 7.25
N PRO B 39 -33.39 -4.33 6.40
CA PRO B 39 -33.22 -4.60 4.96
C PRO B 39 -32.17 -3.69 4.34
N THR B 40 -31.94 -2.52 4.92
CA THR B 40 -30.95 -1.59 4.36
C THR B 40 -29.60 -1.57 5.09
N SER B 41 -29.40 -2.50 6.02
CA SER B 41 -28.13 -2.56 6.75
C SER B 41 -27.11 -3.45 6.07
N MSE B 42 -25.85 -3.24 6.37
CA MSE B 42 -24.79 -4.12 5.90
C MSE B 42 -24.99 -5.51 6.46
O MSE B 42 -25.56 -5.66 7.54
CB MSE B 42 -23.43 -3.62 6.37
CG MSE B 42 -22.74 -2.66 5.46
SE MSE B 42 -21.04 -1.99 6.23
CE MSE B 42 -21.77 -0.61 7.42
N THR B 43 -24.52 -6.53 5.76
CA THR B 43 -24.47 -7.86 6.35
C THR B 43 -23.40 -7.92 7.43
N ALA B 44 -23.53 -8.87 8.34
CA ALA B 44 -22.53 -9.04 9.38
C ALA B 44 -21.14 -9.17 8.77
N LYS B 45 -21.03 -9.95 7.70
CA LYS B 45 -19.73 -10.12 7.07
C LYS B 45 -19.23 -8.82 6.49
N GLN B 46 -20.13 -8.05 5.88
CA GLN B 46 -19.73 -6.76 5.31
C GLN B 46 -19.25 -5.81 6.39
N LEU B 47 -19.94 -5.82 7.53
CA LEU B 47 -19.66 -4.91 8.62
C LEU B 47 -18.28 -5.21 9.18
N ALA B 48 -18.08 -6.48 9.48
CA ALA B 48 -16.82 -6.93 10.09
C ALA B 48 -15.64 -6.69 9.16
N THR B 49 -15.86 -6.93 7.87
CA THR B 49 -14.82 -6.73 6.89
C THR B 49 -14.46 -5.25 6.80
N HIS B 50 -15.49 -4.40 6.76
CA HIS B 50 -15.30 -2.97 6.65
C HIS B 50 -14.48 -2.44 7.82
N MSE B 51 -14.71 -2.97 9.00
CA MSE B 51 -13.98 -2.53 10.19
C MSE B 51 -12.51 -2.88 10.09
O MSE B 51 -11.65 -2.04 10.34
CB MSE B 51 -14.56 -3.19 11.43
CG MSE B 51 -15.96 -2.75 11.77
SE MSE B 51 -16.68 -3.75 13.29
CE MSE B 51 -15.48 -3.14 14.71
N LEU B 52 -12.23 -4.12 9.70
CA LEU B 52 -10.86 -4.60 9.57
C LEU B 52 -10.11 -3.81 8.53
N PHE B 53 -10.69 -3.67 7.36
CA PHE B 53 -10.00 -3.00 6.27
C PHE B 53 -9.88 -1.52 6.51
N SER B 54 -10.95 -0.88 6.96
CA SER B 54 -10.89 0.56 7.12
C SER B 54 -9.79 0.95 8.12
N PHE B 55 -9.73 0.24 9.25
CA PHE B 55 -8.70 0.54 10.23
C PHE B 55 -7.29 0.32 9.67
N TYR B 56 -7.10 -0.79 8.96
CA TYR B 56 -5.84 -1.03 8.29
C TYR B 56 -5.42 0.17 7.42
N ASN B 57 -6.38 0.74 6.71
CA ASN B 57 -6.08 1.89 5.84
C ASN B 57 -5.69 3.15 6.62
N PHE B 58 -6.40 3.42 7.71
CA PHE B 58 -6.00 4.49 8.64
C PHE B 58 -4.57 4.31 9.14
N ALA B 59 -4.25 3.14 9.66
CA ALA B 59 -2.92 2.87 10.19
C ALA B 59 -1.88 2.97 9.08
N ASN B 60 -2.16 2.29 7.96
CA ASN B 60 -1.26 2.34 6.82
C ASN B 60 -0.91 3.77 6.44
N THR B 61 -1.94 4.60 6.32
CA THR B 61 -1.79 6.00 5.95
C THR B 61 -1.03 6.77 7.01
N ALA B 62 -1.36 6.52 8.26
CA ALA B 62 -0.72 7.17 9.38
C ALA B 62 0.76 6.84 9.43
N LYS B 63 1.06 5.54 9.32
CA LYS B 63 2.43 5.07 9.42
C LYS B 63 3.31 5.73 8.38
N HIS B 64 2.82 5.79 7.14
CA HIS B 64 3.62 6.29 6.02
C HIS B 64 3.36 7.75 5.72
N GLY B 65 2.63 8.41 6.61
CA GLY B 65 2.26 9.79 6.40
C GLY B 65 1.77 10.10 5.00
N ASP B 66 1.18 9.10 4.34
CA ASP B 66 0.76 9.23 2.94
C ASP B 66 -0.75 9.07 2.73
N PRO B 67 -1.45 10.20 2.51
CA PRO B 67 -2.91 10.26 2.32
C PRO B 67 -3.44 9.47 1.12
N SER B 68 -2.61 9.24 0.12
CA SER B 68 -3.05 8.51 -1.06
C SER B 68 -3.38 7.05 -0.71
N LEU B 69 -2.63 6.50 0.23
CA LEU B 69 -2.83 5.15 0.71
C LEU B 69 -4.24 4.90 1.23
N PHE B 70 -4.91 5.97 1.69
CA PHE B 70 -6.11 5.81 2.47
C PHE B 70 -7.23 5.05 1.77
N ARG B 71 -7.49 5.37 0.51
CA ARG B 71 -8.59 4.70 -0.18
C ARG B 71 -8.10 3.66 -1.16
N GLN B 72 -6.88 3.19 -0.95
CA GLN B 72 -6.33 2.08 -1.71
C GLN B 72 -7.17 0.83 -1.45
N LYS B 73 -7.71 0.24 -2.51
CA LYS B 73 -8.59 -0.91 -2.36
C LYS B 73 -7.85 -2.14 -1.89
N ILE B 74 -8.39 -2.78 -0.86
CA ILE B 74 -7.83 -4.02 -0.35
C ILE B 74 -8.54 -5.22 -0.99
N GLU B 75 -7.76 -6.06 -1.65
CA GLU B 75 -8.31 -7.26 -2.25
C GLU B 75 -7.81 -8.47 -1.48
N GLU B 76 -8.72 -9.18 -0.82
CA GLU B 76 -8.34 -10.29 0.03
C GLU B 76 -9.27 -11.48 -0.20
N PRO B 77 -8.68 -12.63 -0.52
CA PRO B 77 -9.38 -13.87 -0.88
C PRO B 77 -9.90 -14.63 0.33
N GLU B 78 -9.51 -14.21 1.54
CA GLU B 78 -9.62 -15.05 2.73
C GLU B 78 -10.97 -15.78 2.95
N THR B 79 -12.07 -15.04 2.87
CA THR B 79 -13.41 -15.65 3.01
C THR B 79 -13.80 -15.94 4.46
N ASN B 80 -12.96 -16.66 5.18
CA ASN B 80 -13.22 -16.96 6.59
C ASN B 80 -12.96 -15.73 7.45
N LEU B 81 -14.05 -15.16 7.97
CA LEU B 81 -13.96 -13.94 8.79
C LEU B 81 -12.89 -14.00 9.87
N ALA B 82 -12.98 -15.00 10.73
CA ALA B 82 -12.11 -15.09 11.90
C ALA B 82 -10.65 -15.01 11.49
N LYS B 83 -10.27 -15.74 10.44
CA LYS B 83 -8.87 -15.73 10.00
C LYS B 83 -8.51 -14.37 9.44
N LEU B 84 -9.38 -13.86 8.60
CA LEU B 84 -9.24 -12.48 8.12
C LEU B 84 -9.04 -11.51 9.30
N ALA B 85 -9.84 -11.69 10.34
CA ALA B 85 -9.78 -10.79 11.49
C ALA B 85 -8.42 -10.81 12.15
N GLU B 86 -7.91 -12.01 12.42
CA GLU B 86 -6.62 -12.13 13.10
C GLU B 86 -5.47 -11.63 12.23
N THR B 87 -5.54 -11.89 10.94
CA THR B 87 -4.54 -11.42 10.00
C THR B 87 -4.43 -9.89 10.04
N TYR B 88 -5.54 -9.21 9.79
CA TYR B 88 -5.53 -7.76 9.69
C TYR B 88 -5.36 -7.05 11.02
N THR B 89 -5.73 -7.72 12.09
CA THR B 89 -5.48 -7.15 13.41
C THR B 89 -3.98 -7.12 13.69
N GLU B 90 -3.29 -8.18 13.27
CA GLU B 90 -1.86 -8.23 13.41
C GLU B 90 -1.14 -7.22 12.51
N LYS B 91 -1.59 -7.10 11.25
CA LYS B 91 -1.00 -6.11 10.36
C LYS B 91 -1.20 -4.71 10.92
N THR B 92 -2.42 -4.44 11.39
CA THR B 92 -2.73 -3.11 11.93
C THR B 92 -1.89 -2.81 13.17
N ARG B 93 -1.79 -3.78 14.07
CA ARG B 93 -1.00 -3.64 15.29
C ARG B 93 0.45 -3.30 14.95
N GLN B 94 1.00 -3.99 13.96
CA GLN B 94 2.40 -3.82 13.63
C GLN B 94 2.70 -2.48 13.01
N LEU B 95 1.80 -2.01 12.15
CA LEU B 95 1.94 -0.69 11.56
C LEU B 95 2.04 0.36 12.65
N ILE B 96 1.12 0.32 13.60
CA ILE B 96 1.07 1.35 14.63
C ILE B 96 2.28 1.26 15.54
N GLU B 97 2.67 0.03 15.87
CA GLU B 97 3.78 -0.18 16.80
C GLU B 97 5.09 0.35 16.23
N SER B 98 5.17 0.43 14.91
CA SER B 98 6.43 0.79 14.26
C SER B 98 6.58 2.30 14.10
N MSE B 99 5.67 3.05 14.69
CA MSE B 99 5.71 4.50 14.55
C MSE B 99 6.52 5.16 15.65
O MSE B 99 6.51 4.73 16.80
CB MSE B 99 4.29 5.07 14.54
CG MSE B 99 3.50 4.71 13.30
SE MSE B 99 1.65 5.40 13.36
CE MSE B 99 2.02 7.30 13.48
N SER B 100 7.24 6.22 15.29
CA SER B 100 7.97 7.02 16.25
C SER B 100 7.00 8.02 16.88
N ASP B 101 7.44 8.73 17.90
CA ASP B 101 6.55 9.64 18.61
C ASP B 101 6.32 10.94 17.84
N ASP B 102 7.24 11.30 16.97
CA ASP B 102 7.07 12.48 16.14
C ASP B 102 6.07 12.24 15.03
N ASP B 103 5.98 10.99 14.59
CA ASP B 103 5.05 10.59 13.55
C ASP B 103 3.64 11.01 13.94
N PHE B 104 3.33 10.86 15.22
CA PHE B 104 2.01 11.21 15.73
C PHE B 104 1.73 12.70 15.67
N ASP B 105 2.74 13.49 15.36
CA ASP B 105 2.57 14.94 15.28
C ASP B 105 2.54 15.40 13.85
N ARG B 106 2.96 14.53 12.94
CA ARG B 106 2.98 14.86 11.53
C ARG B 106 1.60 15.31 11.07
N THR B 107 1.57 16.32 10.21
CA THR B 107 0.30 16.80 9.66
C THR B 107 -0.05 16.07 8.37
N LEU B 108 -1.30 15.65 8.26
CA LEU B 108 -1.77 14.94 7.08
C LEU B 108 -2.66 15.83 6.24
N ASP B 109 -2.35 15.93 4.95
CA ASP B 109 -3.16 16.73 4.04
C ASP B 109 -4.31 15.91 3.49
N LEU B 110 -5.48 16.07 4.11
CA LEU B 110 -6.61 15.23 3.79
C LEU B 110 -7.80 15.99 3.22
N THR B 111 -7.55 17.18 2.69
CA THR B 111 -8.63 17.99 2.16
C THR B 111 -9.39 17.24 1.08
N ALA B 112 -8.65 16.56 0.22
CA ALA B 112 -9.26 15.79 -0.86
C ALA B 112 -10.26 14.76 -0.35
N ILE B 113 -10.16 14.42 0.93
CA ILE B 113 -10.89 13.29 1.49
C ILE B 113 -11.87 13.69 2.59
N PHE B 114 -11.35 14.37 3.62
CA PHE B 114 -12.17 14.86 4.72
C PHE B 114 -12.36 16.35 4.58
N GLY B 115 -11.82 16.91 3.50
CA GLY B 115 -11.87 18.35 3.27
C GLY B 115 -11.19 19.12 4.38
N THR B 116 -10.03 18.64 4.81
CA THR B 116 -9.35 19.28 5.93
C THR B 116 -8.00 18.64 6.24
N GLN B 117 -7.11 19.42 6.85
CA GLN B 117 -5.82 18.92 7.31
C GLN B 117 -5.92 18.58 8.79
N MSE B 118 -5.01 17.73 9.27
CA MSE B 118 -5.26 17.03 10.51
C MSE B 118 -3.96 16.41 11.00
O MSE B 118 -3.17 15.92 10.20
CB MSE B 118 -6.24 15.90 10.20
CG MSE B 118 -6.93 15.23 11.37
SE MSE B 118 -8.38 14.07 10.69
CE MSE B 118 -9.24 15.31 9.48
N SER B 119 -3.73 16.44 12.30
CA SER B 119 -2.57 15.76 12.87
C SER B 119 -2.78 14.25 12.79
N THR B 120 -1.68 13.51 12.71
CA THR B 120 -1.77 12.06 12.64
C THR B 120 -2.49 11.49 13.85
N ALA B 121 -2.38 12.15 14.99
CA ALA B 121 -3.04 11.69 16.21
C ALA B 121 -4.54 11.90 16.15
N GLN B 122 -5.00 13.03 15.62
CA GLN B 122 -6.43 13.27 15.43
C GLN B 122 -7.00 12.25 14.45
N PHE B 123 -6.19 11.93 13.46
CA PHE B 123 -6.55 11.01 12.40
C PHE B 123 -6.74 9.61 12.98
N LEU B 124 -5.83 9.22 13.86
CA LEU B 124 -5.94 7.91 14.49
C LEU B 124 -7.09 7.89 15.49
N GLN B 125 -7.39 9.03 16.09
CA GLN B 125 -8.52 9.07 17.01
C GLN B 125 -9.79 8.87 16.21
N LEU B 126 -9.81 9.41 15.00
CA LEU B 126 -10.94 9.19 14.12
C LEU B 126 -11.09 7.69 13.76
N ALA B 127 -9.97 7.01 13.55
CA ALA B 127 -10.01 5.59 13.24
C ALA B 127 -10.59 4.80 14.41
N MSE B 128 -10.18 5.15 15.61
CA MSE B 128 -10.72 4.58 16.82
C MSE B 128 -12.22 4.83 16.96
O MSE B 128 -12.98 3.93 17.28
CB MSE B 128 -9.99 5.13 18.04
CG MSE B 128 -8.59 4.58 18.21
SE MSE B 128 -8.60 2.62 18.38
CE MSE B 128 -9.96 2.47 19.79
N ASP B 129 -12.64 6.06 16.71
CA ASP B 129 -14.04 6.43 16.85
C ASP B 129 -14.84 5.59 15.87
N HIS B 130 -14.25 5.34 14.72
CA HIS B 130 -14.90 4.61 13.66
C HIS B 130 -15.07 3.13 14.05
N GLU B 131 -13.99 2.51 14.50
CA GLU B 131 -14.04 1.17 15.09
C GLU B 131 -15.06 1.06 16.24
N ILE B 132 -15.01 1.97 17.21
CA ILE B 132 -15.93 1.88 18.35
C ILE B 132 -17.37 2.03 17.88
N HIS B 133 -17.59 2.96 16.96
CA HIS B 133 -18.89 3.15 16.34
C HIS B 133 -19.44 1.86 15.71
N HIS B 134 -18.63 1.20 14.88
CA HIS B 134 -19.11 -0.02 14.22
C HIS B 134 -19.22 -1.22 15.18
N LYS B 135 -18.36 -1.28 16.18
CA LYS B 135 -18.42 -2.34 17.17
C LYS B 135 -19.75 -2.21 17.90
N GLY B 136 -20.19 -0.98 18.13
CA GLY B 136 -21.48 -0.78 18.76
C GLY B 136 -22.61 -1.42 17.95
N GLN B 137 -22.55 -1.25 16.64
CA GLN B 137 -23.50 -1.88 15.75
C GLN B 137 -23.39 -3.40 15.77
N LEU B 138 -22.16 -3.87 15.75
CA LEU B 138 -21.90 -5.30 15.74
C LEU B 138 -22.58 -5.93 16.94
N PHE B 139 -22.53 -5.25 18.08
CA PHE B 139 -23.25 -5.72 19.28
C PHE B 139 -24.73 -6.00 18.99
N VAL B 140 -25.37 -5.09 18.26
CA VAL B 140 -26.78 -5.26 17.95
C VAL B 140 -26.97 -6.46 17.01
N TYR B 141 -26.11 -6.57 16.00
CA TYR B 141 -26.14 -7.72 15.09
C TYR B 141 -26.11 -9.01 15.90
N VAL B 142 -25.06 -9.16 16.70
CA VAL B 142 -24.83 -10.39 17.41
C VAL B 142 -25.98 -10.81 18.36
N ARG B 143 -26.58 -9.86 19.07
CA ARG B 143 -27.76 -10.15 19.88
C ARG B 143 -28.90 -10.59 18.98
N GLY B 144 -29.02 -9.93 17.84
CA GLY B 144 -30.04 -10.28 16.87
C GLY B 144 -29.94 -11.73 16.41
N MSE B 145 -28.73 -12.25 16.32
CA MSE B 145 -28.52 -13.63 15.88
C MSE B 145 -28.83 -14.59 17.02
O MSE B 145 -28.94 -15.79 16.83
CB MSE B 145 -27.09 -13.85 15.44
CG MSE B 145 -26.63 -12.93 14.35
SE MSE B 145 -24.71 -13.03 14.17
CE MSE B 145 -24.49 -11.76 12.71
N GLY B 146 -28.96 -14.02 18.22
CA GLY B 146 -29.44 -14.77 19.36
C GLY B 146 -28.45 -14.93 20.50
N HIS B 147 -27.25 -14.42 20.34
CA HIS B 147 -26.26 -14.55 21.40
C HIS B 147 -26.56 -13.56 22.51
N THR B 148 -26.51 -14.02 23.76
CA THR B 148 -26.90 -13.18 24.90
C THR B 148 -25.76 -12.90 25.87
N ASP B 149 -24.76 -13.76 25.87
CA ASP B 149 -23.59 -13.57 26.74
C ASP B 149 -22.51 -12.76 26.01
N LEU B 150 -22.58 -11.45 26.13
CA LEU B 150 -21.67 -10.61 25.39
C LEU B 150 -20.61 -9.97 26.30
N PRO B 151 -19.41 -9.75 25.75
CA PRO B 151 -18.30 -9.15 26.48
C PRO B 151 -18.65 -7.71 26.79
N LEU B 152 -17.96 -7.11 27.77
CA LEU B 152 -18.02 -5.66 27.93
C LEU B 152 -17.52 -5.00 26.66
N PHE B 153 -18.12 -3.87 26.29
CA PHE B 153 -17.75 -3.23 25.02
C PHE B 153 -16.27 -2.93 24.88
N VAL B 154 -15.56 -2.79 26.01
CA VAL B 154 -14.11 -2.56 25.99
C VAL B 154 -13.39 -3.38 27.05
N LYS B 155 -12.22 -3.90 26.69
CA LYS B 155 -11.39 -4.68 27.60
C LYS B 155 -10.49 -3.87 28.49
N ARG B 156 -10.63 -4.09 29.79
CA ARG B 156 -9.85 -3.48 30.85
C ARG B 156 -8.35 -3.44 30.56
N GLY B 157 -7.93 -3.92 29.40
CA GLY B 157 -6.54 -3.86 28.99
C GLY B 157 -6.39 -3.53 27.51
N SER C 1 37.16 -11.23 -44.01
CA SER C 1 36.47 -9.96 -44.21
C SER C 1 35.16 -9.99 -43.44
N ASN C 2 34.88 -8.93 -42.69
CA ASN C 2 33.69 -8.85 -41.85
C ASN C 2 32.43 -9.48 -42.46
N ALA C 3 31.64 -10.12 -41.60
CA ALA C 3 30.43 -10.81 -41.98
C ALA C 3 29.30 -9.87 -42.39
N MSE C 4 29.04 -8.85 -41.58
CA MSE C 4 28.00 -7.86 -41.90
C MSE C 4 28.32 -6.50 -41.30
O MSE C 4 29.34 -6.34 -40.64
CB MSE C 4 26.63 -8.34 -41.42
CG MSE C 4 26.62 -8.91 -40.02
SE MSE C 4 25.05 -10.02 -39.64
CE MSE C 4 23.97 -8.77 -38.61
N SER C 5 27.45 -5.52 -41.55
CA SER C 5 27.71 -4.15 -41.11
C SER C 5 27.20 -3.90 -39.70
N ARG C 6 27.86 -3.00 -38.99
CA ARG C 6 27.49 -2.64 -37.62
C ARG C 6 26.00 -2.33 -37.55
N ALA C 7 25.55 -1.40 -38.39
CA ALA C 7 24.13 -1.05 -38.43
C ALA C 7 23.29 -2.30 -38.43
N LYS C 8 23.59 -3.20 -39.35
CA LYS C 8 22.78 -4.40 -39.54
C LYS C 8 22.77 -5.30 -38.30
N LYS C 9 23.89 -5.33 -37.59
CA LYS C 9 23.97 -6.07 -36.34
C LYS C 9 23.10 -5.42 -35.28
N TRP C 10 23.21 -4.09 -35.16
CA TRP C 10 22.43 -3.34 -34.18
C TRP C 10 20.93 -3.47 -34.46
N VAL C 11 20.58 -3.50 -35.74
CA VAL C 11 19.18 -3.59 -36.10
C VAL C 11 18.64 -4.95 -35.68
N GLN C 12 19.42 -5.98 -35.93
CA GLN C 12 18.97 -7.32 -35.56
C GLN C 12 18.84 -7.43 -34.04
N TYR C 13 19.77 -6.81 -33.32
CA TYR C 13 19.72 -6.76 -31.86
C TYR C 13 18.48 -6.00 -31.41
N PHE C 14 18.22 -4.87 -32.05
CA PHE C 14 17.06 -4.05 -31.72
C PHE C 14 15.78 -4.83 -31.90
N LEU C 15 15.63 -5.44 -33.06
CA LEU C 15 14.42 -6.18 -33.40
C LEU C 15 14.20 -7.43 -32.56
N SER C 16 15.29 -8.05 -32.13
CA SER C 16 15.17 -9.25 -31.32
C SER C 16 14.42 -8.95 -30.02
N HIS C 17 14.46 -7.69 -29.62
CA HIS C 17 13.72 -7.21 -28.46
C HIS C 17 12.44 -6.48 -28.83
N ARG C 18 12.51 -5.59 -29.79
CA ARG C 18 11.35 -4.78 -30.15
C ARG C 18 10.21 -5.65 -30.70
N HIS C 19 10.53 -6.77 -31.35
CA HIS C 19 9.48 -7.66 -31.82
C HIS C 19 8.66 -8.22 -30.66
N VAL C 20 9.32 -8.57 -29.57
CA VAL C 20 8.62 -9.03 -28.37
C VAL C 20 7.78 -7.90 -27.81
N THR C 21 8.34 -6.69 -27.81
CA THR C 21 7.60 -5.55 -27.27
C THR C 21 6.30 -5.38 -28.03
N MSE C 22 6.38 -5.54 -29.34
CA MSE C 22 5.22 -5.44 -30.19
C MSE C 22 4.21 -6.56 -29.95
O MSE C 22 3.01 -6.32 -29.92
CB MSE C 22 5.68 -5.43 -31.63
CG MSE C 22 5.10 -4.31 -32.43
SE MSE C 22 6.48 -3.65 -33.63
CE MSE C 22 7.00 -5.32 -34.47
N GLU C 23 4.70 -7.78 -29.76
CA GLU C 23 3.82 -8.91 -29.45
C GLU C 23 3.01 -8.61 -28.18
N LEU C 24 3.69 -8.09 -27.17
CA LEU C 24 3.05 -7.71 -25.91
C LEU C 24 2.03 -6.60 -26.13
N ILE C 25 2.38 -5.61 -26.94
CA ILE C 25 1.50 -4.49 -27.18
C ILE C 25 0.19 -4.93 -27.82
N HIS C 26 0.25 -5.92 -28.70
CA HIS C 26 -0.94 -6.44 -29.34
C HIS C 26 -1.90 -7.14 -28.37
N LYS C 27 -1.39 -7.57 -27.22
CA LYS C 27 -2.24 -8.22 -26.23
C LYS C 27 -2.98 -7.20 -25.39
N ILE C 28 -2.68 -5.92 -25.60
CA ILE C 28 -3.33 -4.87 -24.84
C ILE C 28 -4.49 -4.21 -25.60
N ASP C 29 -5.71 -4.54 -25.21
CA ASP C 29 -6.90 -3.93 -25.83
C ASP C 29 -7.21 -2.56 -25.25
N GLU C 30 -7.99 -1.76 -25.98
CA GLU C 30 -8.31 -0.41 -25.57
C GLU C 30 -8.78 -0.35 -24.13
N ALA C 31 -9.46 -1.41 -23.70
CA ALA C 31 -10.03 -1.48 -22.36
C ALA C 31 -8.96 -1.41 -21.28
N HIS C 32 -7.76 -1.86 -21.61
CA HIS C 32 -6.66 -1.88 -20.66
C HIS C 32 -5.61 -0.80 -20.91
N TYR C 33 -5.86 0.09 -21.87
CA TYR C 33 -4.91 1.15 -22.17
C TYR C 33 -4.46 1.88 -20.92
N ASP C 34 -5.39 2.05 -19.98
CA ASP C 34 -5.12 2.83 -18.78
C ASP C 34 -4.87 1.96 -17.55
N TYR C 35 -4.63 0.67 -17.75
CA TYR C 35 -4.27 -0.23 -16.65
C TYR C 35 -2.97 0.15 -15.96
N LYS C 36 -2.94 0.00 -14.64
CA LYS C 36 -1.75 0.29 -13.83
C LYS C 36 -1.60 -0.76 -12.74
N PRO C 37 -0.44 -1.39 -12.65
CA PRO C 37 -0.21 -2.42 -11.63
C PRO C 37 -0.27 -1.82 -10.23
N THR C 38 0.19 -0.58 -10.09
CA THR C 38 0.16 0.12 -8.81
C THR C 38 -0.40 1.52 -9.03
N PRO C 39 -0.84 2.17 -7.95
CA PRO C 39 -1.41 3.51 -8.09
C PRO C 39 -0.41 4.55 -8.59
N THR C 40 0.89 4.30 -8.37
CA THR C 40 1.93 5.24 -8.78
C THR C 40 2.70 4.81 -10.04
N SER C 41 2.21 3.78 -10.72
CA SER C 41 2.85 3.32 -11.95
C SER C 41 2.23 4.00 -13.17
N MSE C 42 3.00 4.04 -14.26
CA MSE C 42 2.51 4.48 -15.56
C MSE C 42 1.37 3.58 -16.02
O MSE C 42 1.32 2.41 -15.67
CB MSE C 42 3.64 4.40 -16.58
CG MSE C 42 4.48 5.66 -16.70
SE MSE C 42 5.93 5.47 -18.01
CE MSE C 42 7.19 4.45 -16.93
N THR C 43 0.46 4.13 -16.82
CA THR C 43 -0.53 3.28 -17.45
C THR C 43 0.15 2.46 -18.54
N ALA C 44 -0.46 1.35 -18.92
CA ALA C 44 0.07 0.55 -20.01
C ALA C 44 0.31 1.40 -21.25
N LYS C 45 -0.63 2.29 -21.57
CA LYS C 45 -0.48 3.11 -22.77
C LYS C 45 0.68 4.07 -22.62
N GLN C 46 0.83 4.63 -21.43
CA GLN C 46 1.95 5.53 -21.18
C GLN C 46 3.29 4.82 -21.29
N LEU C 47 3.34 3.60 -20.78
CA LEU C 47 4.57 2.82 -20.77
C LEU C 47 4.99 2.51 -22.20
N ALA C 48 4.02 2.00 -22.96
CA ALA C 48 4.29 1.56 -24.32
C ALA C 48 4.70 2.73 -25.19
N THR C 49 4.04 3.86 -24.94
CA THR C 49 4.28 5.06 -25.70
C THR C 49 5.69 5.58 -25.40
N HIS C 50 6.01 5.63 -24.13
CA HIS C 50 7.34 6.04 -23.67
C HIS C 50 8.47 5.24 -24.31
N MSE C 51 8.27 3.93 -24.44
CA MSE C 51 9.29 3.06 -25.03
C MSE C 51 9.50 3.39 -26.51
O MSE C 51 10.63 3.50 -26.97
CB MSE C 51 8.88 1.59 -24.90
CG MSE C 51 8.79 1.09 -23.48
SE MSE C 51 8.06 -0.75 -23.33
CE MSE C 51 9.44 -1.67 -24.40
N LEU C 52 8.40 3.52 -27.24
CA LEU C 52 8.46 3.82 -28.67
C LEU C 52 9.15 5.15 -28.91
N PHE C 53 8.73 6.17 -28.17
CA PHE C 53 9.23 7.51 -28.43
C PHE C 53 10.66 7.66 -27.93
N SER C 54 10.93 7.17 -26.73
CA SER C 54 12.28 7.33 -26.22
C SER C 54 13.28 6.67 -27.17
N PHE C 55 12.99 5.47 -27.64
CA PHE C 55 13.96 4.82 -28.52
C PHE C 55 14.16 5.57 -29.82
N TYR C 56 13.06 6.05 -30.40
CA TYR C 56 13.15 6.88 -31.58
C TYR C 56 14.09 8.06 -31.35
N ASN C 57 14.01 8.69 -30.18
CA ASN C 57 14.88 9.82 -29.87
C ASN C 57 16.36 9.43 -29.79
N PHE C 58 16.65 8.29 -29.15
CA PHE C 58 18.01 7.77 -29.13
C PHE C 58 18.54 7.56 -30.54
N ALA C 59 17.78 6.86 -31.36
CA ALA C 59 18.20 6.57 -32.73
C ALA C 59 18.34 7.86 -33.54
N ASN C 60 17.35 8.73 -33.43
CA ASN C 60 17.39 10.01 -34.12
C ASN C 60 18.68 10.75 -33.79
N THR C 61 18.96 10.85 -32.50
CA THR C 61 20.13 11.57 -32.02
C THR C 61 21.39 10.90 -32.51
N ALA C 62 21.39 9.57 -32.47
CA ALA C 62 22.55 8.78 -32.84
C ALA C 62 22.85 8.98 -34.31
N LYS C 63 21.80 8.88 -35.11
CA LYS C 63 21.94 8.93 -36.56
C LYS C 63 22.53 10.25 -36.99
N HIS C 64 22.05 11.34 -36.40
CA HIS C 64 22.49 12.67 -36.80
C HIS C 64 23.56 13.24 -35.89
N GLY C 65 24.10 12.41 -35.01
CA GLY C 65 25.15 12.85 -34.10
C GLY C 65 24.82 14.15 -33.39
N ASP C 66 23.53 14.42 -33.22
CA ASP C 66 23.06 15.68 -32.65
C ASP C 66 22.29 15.50 -31.33
N PRO C 67 22.94 15.81 -30.20
CA PRO C 67 22.39 15.71 -28.84
C PRO C 67 21.13 16.55 -28.60
N SER C 68 20.96 17.65 -29.33
CA SER C 68 19.80 18.50 -29.14
C SER C 68 18.52 17.77 -29.49
N LEU C 69 18.59 16.90 -30.50
CA LEU C 69 17.43 16.10 -30.93
C LEU C 69 16.87 15.24 -29.79
N PHE C 70 17.70 14.91 -28.82
CA PHE C 70 17.32 13.89 -27.85
C PHE C 70 16.02 14.17 -27.09
N ARG C 71 15.84 15.39 -26.61
CA ARG C 71 14.63 15.66 -25.84
C ARG C 71 13.62 16.48 -26.61
N GLN C 72 13.74 16.45 -27.93
CA GLN C 72 12.75 17.01 -28.83
C GLN C 72 11.40 16.31 -28.62
N LYS C 73 10.37 17.08 -28.29
CA LYS C 73 9.07 16.49 -27.99
C LYS C 73 8.41 15.91 -29.22
N ILE C 74 7.95 14.67 -29.10
CA ILE C 74 7.22 14.03 -30.18
C ILE C 74 5.73 14.21 -29.99
N GLU C 75 5.08 14.83 -30.97
CA GLU C 75 3.65 15.00 -30.94
C GLU C 75 3.00 14.09 -31.96
N GLU C 76 2.23 13.12 -31.49
CA GLU C 76 1.63 12.14 -32.38
C GLU C 76 0.17 11.90 -32.04
N PRO C 77 -0.71 12.07 -33.04
CA PRO C 77 -2.16 11.98 -32.89
C PRO C 77 -2.67 10.54 -32.86
N GLU C 78 -1.81 9.58 -33.17
CA GLU C 78 -2.25 8.23 -33.53
C GLU C 78 -3.33 7.57 -32.65
N THR C 79 -3.14 7.59 -31.33
CA THR C 79 -4.13 7.03 -30.41
C THR C 79 -4.11 5.50 -30.31
N ASN C 80 -4.23 4.83 -31.46
CA ASN C 80 -4.17 3.38 -31.48
C ASN C 80 -2.73 2.90 -31.27
N LEU C 81 -2.48 2.29 -30.12
CA LEU C 81 -1.15 1.81 -29.76
C LEU C 81 -0.48 0.97 -30.83
N ALA C 82 -1.14 -0.09 -31.25
CA ALA C 82 -0.55 -1.01 -32.21
C ALA C 82 -0.04 -0.30 -33.46
N LYS C 83 -0.82 0.62 -34.00
CA LYS C 83 -0.44 1.32 -35.22
C LYS C 83 0.74 2.24 -34.92
N LEU C 84 0.62 2.99 -33.84
CA LEU C 84 1.72 3.76 -33.33
C LEU C 84 3.00 2.92 -33.19
N ALA C 85 2.87 1.72 -32.66
CA ALA C 85 4.01 0.83 -32.46
C ALA C 85 4.69 0.50 -33.78
N GLU C 86 3.91 0.06 -34.76
CA GLU C 86 4.49 -0.35 -36.02
C GLU C 86 5.12 0.83 -36.75
N THR C 87 4.49 1.99 -36.64
CA THR C 87 4.99 3.20 -37.27
C THR C 87 6.38 3.55 -36.74
N TYR C 88 6.48 3.70 -35.43
CA TYR C 88 7.74 4.11 -34.81
C TYR C 88 8.82 3.05 -34.79
N THR C 89 8.42 1.79 -34.86
CA THR C 89 9.40 0.72 -34.97
C THR C 89 10.07 0.76 -36.33
N GLU C 90 9.27 1.03 -37.36
CA GLU C 90 9.81 1.22 -38.70
C GLU C 90 10.70 2.45 -38.80
N LYS C 91 10.28 3.56 -38.21
CA LYS C 91 11.10 4.76 -38.26
C LYS C 91 12.42 4.47 -37.55
N THR C 92 12.33 3.85 -36.38
CA THR C 92 13.52 3.58 -35.60
C THR C 92 14.48 2.66 -36.33
N ARG C 93 13.92 1.61 -36.93
CA ARG C 93 14.71 0.66 -37.70
C ARG C 93 15.46 1.36 -38.83
N GLN C 94 14.78 2.26 -39.52
CA GLN C 94 15.36 2.89 -40.69
C GLN C 94 16.47 3.84 -40.33
N LEU C 95 16.28 4.58 -39.25
CA LEU C 95 17.32 5.47 -38.74
C LEU C 95 18.61 4.70 -38.49
N ILE C 96 18.50 3.60 -37.75
CA ILE C 96 19.68 2.82 -37.39
C ILE C 96 20.32 2.19 -38.61
N GLU C 97 19.50 1.67 -39.50
CA GLU C 97 20.01 0.98 -40.68
C GLU C 97 20.78 1.93 -41.61
N SER C 98 20.52 3.22 -41.51
CA SER C 98 21.12 4.19 -42.43
C SER C 98 22.46 4.70 -41.92
N MSE C 99 22.95 4.12 -40.83
CA MSE C 99 24.19 4.59 -40.23
C MSE C 99 25.42 3.87 -40.78
O MSE C 99 25.37 2.67 -41.05
CB MSE C 99 24.14 4.43 -38.72
CG MSE C 99 23.14 5.35 -38.04
SE MSE C 99 23.04 5.00 -36.11
CE MSE C 99 24.90 5.44 -35.63
N SER C 100 26.50 4.62 -40.95
CA SER C 100 27.76 4.03 -41.38
C SER C 100 28.45 3.47 -40.14
N ASP C 101 29.55 2.75 -40.34
CA ASP C 101 30.21 2.09 -39.22
C ASP C 101 31.02 3.06 -38.38
N ASP C 102 31.46 4.15 -38.99
CA ASP C 102 32.18 5.18 -38.26
C ASP C 102 31.24 5.98 -37.36
N ASP C 103 29.97 6.07 -37.76
CA ASP C 103 28.98 6.79 -36.98
C ASP C 103 28.90 6.22 -35.57
N PHE C 104 29.00 4.90 -35.47
CA PHE C 104 28.97 4.22 -34.17
C PHE C 104 30.18 4.54 -33.29
N ASP C 105 31.17 5.23 -33.84
CA ASP C 105 32.36 5.60 -33.07
C ASP C 105 32.35 7.08 -32.69
N ARG C 106 31.44 7.83 -33.33
CA ARG C 106 31.34 9.26 -33.10
C ARG C 106 31.06 9.52 -31.62
N THR C 107 31.67 10.56 -31.08
CA THR C 107 31.49 10.92 -29.69
C THR C 107 30.34 11.91 -29.55
N LEU C 108 29.46 11.65 -28.59
CA LEU C 108 28.31 12.51 -28.35
C LEU C 108 28.49 13.31 -27.06
N ASP C 109 28.33 14.62 -27.17
CA ASP C 109 28.49 15.51 -26.02
C ASP C 109 27.16 15.61 -25.28
N LEU C 110 27.02 14.82 -24.23
CA LEU C 110 25.75 14.68 -23.54
C LEU C 110 25.81 15.14 -22.08
N THR C 111 26.80 15.97 -21.75
CA THR C 111 26.95 16.44 -20.39
C THR C 111 25.69 17.15 -19.91
N ALA C 112 25.12 17.97 -20.77
CA ALA C 112 23.89 18.70 -20.45
C ALA C 112 22.77 17.76 -20.05
N ILE C 113 22.88 16.49 -20.41
CA ILE C 113 21.77 15.55 -20.28
C ILE C 113 22.08 14.38 -19.34
N PHE C 114 23.16 13.67 -19.63
CA PHE C 114 23.61 12.56 -18.76
C PHE C 114 24.81 13.00 -17.96
N GLY C 115 25.18 14.27 -18.11
CA GLY C 115 26.35 14.81 -17.45
C GLY C 115 27.62 14.09 -17.84
N THR C 116 27.77 13.81 -19.13
CA THR C 116 28.91 13.02 -19.59
C THR C 116 28.96 12.86 -21.10
N GLN C 117 30.17 12.68 -21.63
CA GLN C 117 30.34 12.37 -23.04
C GLN C 117 30.41 10.85 -23.24
N MSE C 118 30.18 10.39 -24.46
CA MSE C 118 29.81 9.01 -24.67
C MSE C 118 29.91 8.65 -26.15
O MSE C 118 29.54 9.48 -27.00
CB MSE C 118 28.37 8.84 -24.20
CG MSE C 118 27.85 7.43 -24.05
SE MSE C 118 26.06 7.51 -23.23
CE MSE C 118 26.50 8.70 -21.75
N SER C 119 30.40 7.46 -26.45
CA SER C 119 30.45 7.02 -27.84
C SER C 119 29.01 6.71 -28.28
N THR C 120 28.75 6.84 -29.57
CA THR C 120 27.42 6.57 -30.11
C THR C 120 26.99 5.13 -29.81
N ALA C 121 27.96 4.23 -29.75
CA ALA C 121 27.67 2.82 -29.48
C ALA C 121 27.22 2.59 -28.02
N GLN C 122 27.92 3.23 -27.08
CA GLN C 122 27.51 3.19 -25.67
C GLN C 122 26.11 3.80 -25.50
N PHE C 123 25.87 4.85 -26.28
CA PHE C 123 24.61 5.57 -26.25
C PHE C 123 23.50 4.67 -26.72
N LEU C 124 23.74 3.95 -27.82
CA LEU C 124 22.77 3.00 -28.33
C LEU C 124 22.59 1.82 -27.39
N GLN C 125 23.65 1.42 -26.68
CA GLN C 125 23.52 0.33 -25.73
C GLN C 125 22.64 0.77 -24.59
N LEU C 126 22.78 2.03 -24.19
CA LEU C 126 21.87 2.61 -23.20
C LEU C 126 20.40 2.58 -23.67
N ALA C 127 20.16 2.87 -24.94
CA ALA C 127 18.80 2.81 -25.48
C ALA C 127 18.25 1.39 -25.39
N MSE C 128 19.09 0.42 -25.74
CA MSE C 128 18.72 -0.97 -25.63
C MSE C 128 18.39 -1.37 -24.19
O MSE C 128 17.39 -2.01 -23.92
CB MSE C 128 19.83 -1.86 -26.18
CG MSE C 128 19.90 -1.86 -27.70
SE MSE C 128 18.24 -2.50 -28.55
CE MSE C 128 17.97 -4.14 -27.50
N ASP C 129 19.25 -0.95 -23.26
CA ASP C 129 19.05 -1.29 -21.85
C ASP C 129 17.71 -0.70 -21.39
N HIS C 130 17.38 0.47 -21.92
CA HIS C 130 16.19 1.18 -21.51
C HIS C 130 14.95 0.44 -22.05
N GLU C 131 14.99 0.05 -23.31
CA GLU C 131 13.94 -0.77 -23.90
C GLU C 131 13.77 -2.08 -23.13
N ILE C 132 14.86 -2.80 -22.89
CA ILE C 132 14.80 -4.10 -22.20
C ILE C 132 14.24 -3.92 -20.79
N HIS C 133 14.66 -2.87 -20.14
CA HIS C 133 14.17 -2.56 -18.80
C HIS C 133 12.64 -2.38 -18.80
N HIS C 134 12.13 -1.57 -19.73
CA HIS C 134 10.70 -1.31 -19.76
C HIS C 134 9.87 -2.49 -20.28
N LYS C 135 10.45 -3.27 -21.18
CA LYS C 135 9.79 -4.48 -21.66
C LYS C 135 9.61 -5.45 -20.49
N GLY C 136 10.56 -5.46 -19.57
CA GLY C 136 10.46 -6.30 -18.39
C GLY C 136 9.23 -5.92 -17.58
N GLN C 137 9.04 -4.62 -17.41
CA GLN C 137 7.84 -4.12 -16.73
C GLN C 137 6.56 -4.45 -17.49
N LEU C 138 6.60 -4.28 -18.81
CA LEU C 138 5.45 -4.53 -19.64
C LEU C 138 4.98 -5.95 -19.42
N PHE C 139 5.92 -6.88 -19.23
CA PHE C 139 5.59 -8.28 -18.94
C PHE C 139 4.73 -8.39 -17.69
N VAL C 140 5.05 -7.62 -16.67
CA VAL C 140 4.26 -7.66 -15.45
C VAL C 140 2.87 -7.08 -15.72
N TYR C 141 2.80 -5.95 -16.43
CA TYR C 141 1.51 -5.35 -16.78
C TYR C 141 0.61 -6.38 -17.45
N VAL C 142 1.10 -6.94 -18.55
CA VAL C 142 0.33 -7.88 -19.34
C VAL C 142 -0.17 -9.10 -18.57
N ARG C 143 0.66 -9.70 -17.72
CA ARG C 143 0.19 -10.79 -16.86
C ARG C 143 -0.92 -10.29 -15.93
N GLY C 144 -0.77 -9.05 -15.45
CA GLY C 144 -1.72 -8.45 -14.54
C GLY C 144 -3.09 -8.30 -15.19
N MSE C 145 -3.09 -8.07 -16.49
CA MSE C 145 -4.35 -7.94 -17.23
C MSE C 145 -4.97 -9.30 -17.47
O MSE C 145 -6.13 -9.40 -17.89
CB MSE C 145 -4.11 -7.26 -18.57
CG MSE C 145 -3.48 -5.91 -18.49
SE MSE C 145 -2.87 -5.36 -20.27
CE MSE C 145 -2.10 -3.65 -19.75
N GLY C 146 -4.20 -10.34 -17.23
CA GLY C 146 -4.72 -11.69 -17.28
C GLY C 146 -4.16 -12.63 -18.33
N HIS C 147 -3.27 -12.11 -19.18
CA HIS C 147 -2.67 -12.94 -20.22
C HIS C 147 -1.57 -13.81 -19.65
N THR C 148 -1.58 -15.09 -19.99
CA THR C 148 -0.68 -16.05 -19.37
C THR C 148 0.27 -16.68 -20.37
N ASP C 149 -0.10 -16.64 -21.65
CA ASP C 149 0.74 -17.19 -22.69
C ASP C 149 1.64 -16.10 -23.26
N LEU C 150 2.81 -15.93 -22.66
CA LEU C 150 3.70 -14.84 -23.05
C LEU C 150 4.92 -15.34 -23.82
N PRO C 151 5.39 -14.54 -24.78
CA PRO C 151 6.59 -14.82 -25.58
C PRO C 151 7.82 -14.86 -24.71
N LEU C 152 8.88 -15.54 -25.14
CA LEU C 152 10.18 -15.38 -24.49
C LEU C 152 10.57 -13.91 -24.55
N PHE C 153 11.25 -13.42 -23.51
CA PHE C 153 11.55 -11.99 -23.45
C PHE C 153 12.37 -11.49 -24.63
N VAL C 154 13.06 -12.38 -25.32
CA VAL C 154 13.81 -12.02 -26.51
C VAL C 154 13.66 -13.07 -27.61
N LYS C 155 13.53 -12.61 -28.85
CA LYS C 155 13.47 -13.50 -30.01
C LYS C 155 14.84 -13.92 -30.51
N SER D 5 41.15 -3.22 -20.10
CA SER D 5 40.84 -4.60 -20.45
C SER D 5 39.32 -4.83 -20.49
N ARG D 6 38.92 -5.85 -21.25
CA ARG D 6 37.53 -6.15 -21.52
C ARG D 6 36.82 -6.55 -20.25
N ALA D 7 37.42 -7.49 -19.52
CA ALA D 7 36.84 -7.96 -18.27
C ALA D 7 36.40 -6.78 -17.43
N LYS D 8 37.30 -5.82 -17.25
CA LYS D 8 37.04 -4.69 -16.38
C LYS D 8 35.89 -3.83 -16.89
N LYS D 9 35.75 -3.75 -18.21
CA LYS D 9 34.63 -3.02 -18.79
C LYS D 9 33.31 -3.74 -18.52
N TRP D 10 33.30 -5.04 -18.76
CA TRP D 10 32.14 -5.87 -18.52
C TRP D 10 31.74 -5.83 -17.05
N VAL D 11 32.74 -5.84 -16.17
CA VAL D 11 32.44 -5.80 -14.74
C VAL D 11 31.78 -4.49 -14.36
N GLN D 12 32.27 -3.41 -14.91
CA GLN D 12 31.69 -2.11 -14.62
C GLN D 12 30.26 -2.03 -15.16
N TYR D 13 30.05 -2.62 -16.33
CA TYR D 13 28.73 -2.69 -16.94
C TYR D 13 27.79 -3.55 -16.08
N PHE D 14 28.30 -4.69 -15.64
CA PHE D 14 27.53 -5.59 -14.77
C PHE D 14 27.11 -4.89 -13.49
N LEU D 15 28.06 -4.26 -12.83
CA LEU D 15 27.84 -3.59 -11.57
C LEU D 15 26.90 -2.39 -11.67
N SER D 16 26.94 -1.69 -12.79
CA SER D 16 26.12 -0.50 -12.96
C SER D 16 24.66 -0.88 -12.86
N HIS D 17 24.36 -2.13 -13.19
CA HIS D 17 23.01 -2.67 -13.05
C HIS D 17 22.81 -3.43 -11.76
N ARG D 18 23.73 -4.36 -11.47
CA ARG D 18 23.58 -5.23 -10.30
C ARG D 18 23.50 -4.42 -9.01
N HIS D 19 24.16 -3.27 -8.97
CA HIS D 19 24.10 -2.43 -7.77
C HIS D 19 22.68 -1.94 -7.51
N VAL D 20 22.00 -1.59 -8.59
CA VAL D 20 20.61 -1.20 -8.46
C VAL D 20 19.77 -2.39 -8.00
N THR D 21 20.04 -3.56 -8.58
CA THR D 21 19.32 -4.76 -8.20
C THR D 21 19.43 -4.99 -6.69
N MSE D 22 20.63 -4.81 -6.17
CA MSE D 22 20.89 -4.98 -4.75
C MSE D 22 20.18 -3.93 -3.90
O MSE D 22 19.68 -4.23 -2.81
CB MSE D 22 22.38 -4.93 -4.51
CG MSE D 22 22.88 -6.10 -3.71
SE MSE D 22 24.55 -6.70 -4.46
CE MSE D 22 25.50 -4.97 -4.48
N GLU D 23 20.14 -2.70 -4.39
CA GLU D 23 19.45 -1.65 -3.66
C GLU D 23 17.98 -2.02 -3.52
N LEU D 24 17.39 -2.51 -4.61
CA LEU D 24 16.01 -2.94 -4.62
C LEU D 24 15.79 -4.11 -3.66
N ILE D 25 16.69 -5.09 -3.71
CA ILE D 25 16.60 -6.27 -2.84
C ILE D 25 16.56 -5.91 -1.36
N HIS D 26 17.36 -4.91 -0.97
CA HIS D 26 17.37 -4.44 0.42
C HIS D 26 16.05 -3.82 0.90
N LYS D 27 15.23 -3.36 -0.04
CA LYS D 27 13.93 -2.79 0.32
C LYS D 27 12.90 -3.88 0.59
N ILE D 28 13.26 -5.13 0.30
CA ILE D 28 12.36 -6.26 0.50
C ILE D 28 12.58 -6.96 1.85
N ASP D 29 11.66 -6.75 2.78
CA ASP D 29 11.73 -7.41 4.07
C ASP D 29 11.12 -8.80 4.01
N GLU D 30 11.47 -9.63 4.99
CA GLU D 30 11.03 -11.03 5.02
C GLU D 30 9.53 -11.14 4.80
N ALA D 31 8.80 -10.13 5.27
CA ALA D 31 7.35 -10.13 5.20
C ALA D 31 6.85 -10.14 3.77
N HIS D 32 7.67 -9.63 2.86
CA HIS D 32 7.29 -9.55 1.46
C HIS D 32 8.04 -10.54 0.57
N TYR D 33 8.83 -11.42 1.18
CA TYR D 33 9.56 -12.42 0.39
C TYR D 33 8.66 -13.15 -0.59
N ASP D 34 7.42 -13.41 -0.19
CA ASP D 34 6.50 -14.20 -1.01
C ASP D 34 5.47 -13.34 -1.75
N TYR D 35 5.68 -12.03 -1.77
CA TYR D 35 4.81 -11.11 -2.53
C TYR D 35 4.78 -11.43 -4.03
N LYS D 36 3.60 -11.30 -4.64
CA LYS D 36 3.43 -11.52 -6.07
C LYS D 36 2.48 -10.49 -6.63
N PRO D 37 2.88 -9.79 -7.69
CA PRO D 37 2.02 -8.77 -8.31
C PRO D 37 0.76 -9.41 -8.87
N THR D 38 0.88 -10.63 -9.39
CA THR D 38 -0.23 -11.34 -9.98
C THR D 38 -0.21 -12.75 -9.47
N PRO D 39 -1.34 -13.46 -9.59
CA PRO D 39 -1.41 -14.84 -9.09
C PRO D 39 -0.48 -15.79 -9.82
N THR D 40 -0.11 -15.46 -11.05
CA THR D 40 0.76 -16.32 -11.84
C THR D 40 2.22 -15.84 -11.93
N SER D 41 2.55 -14.83 -11.15
CA SER D 41 3.91 -14.28 -11.16
C SER D 41 4.78 -15.00 -10.13
N MSE D 42 6.10 -14.96 -10.34
CA MSE D 42 7.06 -15.39 -9.33
C MSE D 42 6.94 -14.57 -8.06
O MSE D 42 6.59 -13.38 -8.11
CB MSE D 42 8.47 -15.23 -9.87
CG MSE D 42 9.01 -16.43 -10.62
SE MSE D 42 10.84 -16.12 -11.29
CE MSE D 42 10.37 -15.02 -12.87
N THR D 43 7.25 -15.15 -6.91
CA THR D 43 7.36 -14.36 -5.70
C THR D 43 8.59 -13.47 -5.80
N ALA D 44 8.62 -12.41 -5.01
CA ALA D 44 9.78 -11.53 -4.97
C ALA D 44 11.05 -12.32 -4.67
N LYS D 45 10.98 -13.25 -3.71
CA LYS D 45 12.15 -14.04 -3.38
C LYS D 45 12.57 -14.94 -4.54
N GLN D 46 11.60 -15.52 -5.24
CA GLN D 46 11.91 -16.34 -6.40
C GLN D 46 12.59 -15.54 -7.51
N LEU D 47 12.08 -14.33 -7.73
CA LEU D 47 12.59 -13.47 -8.79
C LEU D 47 14.04 -13.08 -8.50
N ALA D 48 14.28 -12.58 -7.29
CA ALA D 48 15.60 -12.14 -6.88
C ALA D 48 16.60 -13.29 -6.93
N THR D 49 16.13 -14.46 -6.53
CA THR D 49 17.00 -15.62 -6.47
C THR D 49 17.35 -16.07 -7.87
N HIS D 50 16.35 -16.08 -8.74
CA HIS D 50 16.54 -16.46 -10.13
C HIS D 50 17.55 -15.54 -10.83
N MSE D 51 17.52 -14.26 -10.52
CA MSE D 51 18.47 -13.31 -11.12
C MSE D 51 19.89 -13.60 -10.67
O MSE D 51 20.80 -13.64 -11.48
CB MSE D 51 18.13 -11.87 -10.75
CG MSE D 51 16.78 -11.43 -11.29
SE MSE D 51 16.25 -9.65 -10.64
CE MSE D 51 17.75 -8.57 -11.33
N LEU D 52 20.06 -13.82 -9.36
CA LEU D 52 21.38 -14.08 -8.81
C LEU D 52 21.96 -15.35 -9.40
N PHE D 53 21.17 -16.41 -9.40
CA PHE D 53 21.69 -17.70 -9.81
C PHE D 53 21.91 -17.76 -11.30
N SER D 54 20.94 -17.27 -12.07
CA SER D 54 21.08 -17.34 -13.52
C SER D 54 22.34 -16.61 -13.96
N PHE D 55 22.58 -15.42 -13.41
CA PHE D 55 23.75 -14.68 -13.87
C PHE D 55 25.04 -15.40 -13.49
N TYR D 56 25.11 -15.88 -12.26
CA TYR D 56 26.21 -16.72 -11.86
C TYR D 56 26.48 -17.84 -12.89
N ASN D 57 25.44 -18.52 -13.35
CA ASN D 57 25.60 -19.58 -14.34
C ASN D 57 26.15 -19.11 -15.68
N PHE D 58 25.69 -17.94 -16.14
CA PHE D 58 26.21 -17.34 -17.35
C PHE D 58 27.70 -17.07 -17.19
N ALA D 59 28.07 -16.39 -16.11
CA ALA D 59 29.47 -16.04 -15.88
C ALA D 59 30.31 -17.32 -15.73
N ASN D 60 29.82 -18.24 -14.91
CA ASN D 60 30.51 -19.50 -14.72
C ASN D 60 30.80 -20.19 -16.05
N THR D 61 29.78 -20.29 -16.89
CA THR D 61 29.90 -20.92 -18.19
C THR D 61 30.86 -20.16 -19.10
N ALA D 62 30.75 -18.84 -19.06
CA ALA D 62 31.58 -17.98 -19.89
C ALA D 62 33.05 -18.09 -19.49
N LYS D 63 33.30 -18.04 -18.19
CA LYS D 63 34.64 -18.09 -17.66
C LYS D 63 35.34 -19.36 -18.09
N HIS D 64 34.64 -20.48 -17.98
CA HIS D 64 35.25 -21.78 -18.25
C HIS D 64 34.98 -22.29 -19.64
N GLY D 65 34.36 -21.45 -20.47
CA GLY D 65 34.02 -21.82 -21.82
C GLY D 65 33.33 -23.16 -21.90
N ASP D 66 32.61 -23.52 -20.83
CA ASP D 66 31.97 -24.83 -20.75
C ASP D 66 30.44 -24.75 -20.63
N PRO D 67 29.73 -25.03 -21.74
CA PRO D 67 28.26 -24.98 -21.85
C PRO D 67 27.53 -25.91 -20.89
N SER D 68 28.15 -27.00 -20.47
CA SER D 68 27.51 -27.93 -19.54
C SER D 68 27.23 -27.28 -18.18
N LEU D 69 28.12 -26.39 -17.75
CA LEU D 69 27.95 -25.66 -16.49
C LEU D 69 26.65 -24.85 -16.44
N PHE D 70 26.12 -24.48 -17.59
CA PHE D 70 25.04 -23.51 -17.62
C PHE D 70 23.80 -23.88 -16.83
N ARG D 71 23.34 -25.12 -16.95
CA ARG D 71 22.13 -25.50 -16.23
C ARG D 71 22.41 -26.36 -15.01
N GLN D 72 23.65 -26.29 -14.53
CA GLN D 72 24.04 -26.90 -13.27
C GLN D 72 23.20 -26.28 -12.15
N LYS D 73 22.47 -27.12 -11.42
CA LYS D 73 21.62 -26.64 -10.34
C LYS D 73 22.41 -26.08 -9.16
N ILE D 74 22.04 -24.89 -8.72
CA ILE D 74 22.66 -24.28 -7.57
C ILE D 74 21.85 -24.56 -6.33
N GLU D 75 22.47 -25.20 -5.35
CA GLU D 75 21.82 -25.47 -4.08
C GLU D 75 22.43 -24.60 -3.01
N GLU D 76 21.62 -23.69 -2.47
CA GLU D 76 22.12 -22.74 -1.49
C GLU D 76 21.15 -22.59 -0.32
N PRO D 77 21.66 -22.80 0.90
CA PRO D 77 20.89 -22.82 2.15
C PRO D 77 20.57 -21.43 2.67
N GLU D 78 21.17 -20.40 2.08
CA GLU D 78 21.24 -19.08 2.70
C GLU D 78 19.94 -18.52 3.31
N THR D 79 18.84 -18.55 2.55
CA THR D 79 17.55 -18.08 3.07
C THR D 79 17.39 -16.56 3.10
N ASN D 80 18.32 -15.87 3.76
CA ASN D 80 18.33 -14.41 3.76
C ASN D 80 18.76 -13.82 2.41
N LEU D 81 17.81 -13.20 1.72
CA LEU D 81 18.04 -12.65 0.39
C LEU D 81 19.25 -11.75 0.29
N ALA D 82 19.29 -10.72 1.13
CA ALA D 82 20.37 -9.75 1.08
C ALA D 82 21.75 -10.39 1.15
N LYS D 83 21.94 -11.33 2.06
CA LYS D 83 23.23 -12.00 2.20
C LYS D 83 23.51 -12.84 0.96
N LEU D 84 22.51 -13.57 0.51
CA LEU D 84 22.61 -14.33 -0.72
C LEU D 84 23.02 -13.42 -1.88
N ALA D 85 22.42 -12.24 -1.93
CA ALA D 85 22.68 -11.28 -3.01
C ALA D 85 24.14 -10.87 -3.04
N GLU D 86 24.65 -10.46 -1.88
CA GLU D 86 26.04 -10.02 -1.80
C GLU D 86 27.02 -11.14 -2.11
N THR D 87 26.71 -12.34 -1.64
CA THR D 87 27.55 -13.49 -1.88
C THR D 87 27.71 -13.78 -3.37
N TYR D 88 26.59 -13.89 -4.06
CA TYR D 88 26.59 -14.26 -5.47
C TYR D 88 27.01 -13.13 -6.39
N THR D 89 26.78 -11.89 -5.96
CA THR D 89 27.30 -10.76 -6.71
C THR D 89 28.82 -10.77 -6.68
N GLU D 90 29.41 -11.13 -5.54
CA GLU D 90 30.85 -11.19 -5.44
C GLU D 90 31.41 -12.34 -6.25
N LYS D 91 30.74 -13.49 -6.20
CA LYS D 91 31.20 -14.63 -6.97
C LYS D 91 31.15 -14.31 -8.46
N THR D 92 30.05 -13.67 -8.88
CA THR D 92 29.85 -13.36 -10.28
C THR D 92 30.88 -12.36 -10.75
N ARG D 93 31.12 -11.32 -9.94
CA ARG D 93 32.10 -10.30 -10.24
C ARG D 93 33.48 -10.92 -10.45
N GLN D 94 33.86 -11.81 -9.57
CA GLN D 94 35.18 -12.42 -9.61
C GLN D 94 35.39 -13.31 -10.83
N LEU D 95 34.38 -14.10 -11.18
CA LEU D 95 34.44 -14.92 -12.37
C LEU D 95 34.73 -14.06 -13.60
N ILE D 96 33.94 -13.00 -13.79
CA ILE D 96 34.10 -12.14 -14.95
C ILE D 96 35.46 -11.45 -14.96
N GLU D 97 35.88 -10.99 -13.79
CA GLU D 97 37.12 -10.24 -13.68
C GLU D 97 38.34 -11.10 -14.02
N SER D 98 38.20 -12.40 -13.87
CA SER D 98 39.33 -13.31 -14.07
C SER D 98 39.49 -13.74 -15.52
N MSE D 99 38.70 -13.16 -16.41
CA MSE D 99 38.74 -13.55 -17.82
C MSE D 99 39.75 -12.73 -18.62
O MSE D 99 39.91 -11.53 -18.40
CB MSE D 99 37.35 -13.41 -18.44
CG MSE D 99 36.35 -14.42 -17.92
SE MSE D 99 34.55 -14.20 -18.65
CE MSE D 99 34.97 -14.46 -20.55
N SER D 100 40.42 -13.40 -19.55
CA SER D 100 41.31 -12.72 -20.49
C SER D 100 40.47 -12.12 -21.62
N ASP D 101 41.11 -11.33 -22.48
CA ASP D 101 40.38 -10.65 -23.53
C ASP D 101 40.02 -11.58 -24.68
N ASP D 102 40.80 -12.65 -24.82
CA ASP D 102 40.52 -13.64 -25.86
C ASP D 102 39.35 -14.51 -25.47
N ASP D 103 39.15 -14.70 -24.18
CA ASP D 103 38.03 -15.48 -23.67
C ASP D 103 36.72 -14.94 -24.21
N PHE D 104 36.65 -13.62 -24.31
CA PHE D 104 35.43 -12.98 -24.78
C PHE D 104 35.17 -13.23 -26.26
N ASP D 105 36.14 -13.84 -26.94
CA ASP D 105 36.00 -14.14 -28.35
C ASP D 105 35.73 -15.63 -28.57
N ARG D 106 35.93 -16.42 -27.53
CA ARG D 106 35.71 -17.85 -27.62
C ARG D 106 34.28 -18.13 -28.06
N THR D 107 34.12 -19.14 -28.91
CA THR D 107 32.81 -19.55 -29.36
C THR D 107 32.22 -20.61 -28.45
N LEU D 108 30.95 -20.43 -28.08
CA LEU D 108 30.26 -21.36 -27.20
C LEU D 108 29.24 -22.19 -27.96
N ASP D 109 29.34 -23.52 -27.82
CA ASP D 109 28.42 -24.42 -28.51
C ASP D 109 27.16 -24.62 -27.68
N LEU D 110 26.12 -23.86 -27.98
CA LEU D 110 24.94 -23.83 -27.14
C LEU D 110 23.70 -24.33 -27.86
N THR D 111 23.88 -25.09 -28.93
CA THR D 111 22.74 -25.56 -29.71
C THR D 111 21.78 -26.35 -28.82
N ALA D 112 22.35 -27.18 -27.95
CA ALA D 112 21.55 -28.01 -27.05
C ALA D 112 20.63 -27.16 -26.18
N ILE D 113 20.95 -25.87 -26.07
CA ILE D 113 20.31 -25.01 -25.08
C ILE D 113 19.55 -23.85 -25.70
N PHE D 114 20.24 -23.04 -26.49
CA PHE D 114 19.62 -21.93 -27.21
C PHE D 114 19.44 -22.30 -28.68
N GLY D 115 19.78 -23.55 -29.02
CA GLY D 115 19.73 -24.00 -30.40
C GLY D 115 20.62 -23.18 -31.31
N THR D 116 21.82 -22.86 -30.85
CA THR D 116 22.70 -22.00 -31.63
C THR D 116 24.08 -21.81 -30.98
N GLN D 117 25.07 -21.53 -31.83
CA GLN D 117 26.40 -21.18 -31.35
C GLN D 117 26.54 -19.66 -31.27
N MSE D 118 27.51 -19.20 -30.50
CA MSE D 118 27.48 -17.84 -30.00
C MSE D 118 28.83 -17.47 -29.40
O MSE D 118 29.46 -18.28 -28.73
CB MSE D 118 26.44 -17.77 -28.90
CG MSE D 118 26.03 -16.40 -28.46
SE MSE D 118 24.53 -16.55 -27.25
CE MSE D 118 23.42 -17.80 -28.28
N SER D 119 29.27 -16.24 -29.65
CA SER D 119 30.51 -15.78 -29.02
C SER D 119 30.24 -15.56 -27.54
N THR D 120 31.29 -15.66 -26.75
CA THR D 120 31.17 -15.49 -25.32
C THR D 120 30.65 -14.09 -24.99
N ALA D 121 30.98 -13.12 -25.84
CA ALA D 121 30.53 -11.74 -25.62
C ALA D 121 29.04 -11.58 -25.87
N GLN D 122 28.53 -12.22 -26.92
CA GLN D 122 27.10 -12.20 -27.19
C GLN D 122 26.37 -12.90 -26.05
N PHE D 123 27.00 -13.95 -25.54
CA PHE D 123 26.44 -14.74 -24.45
C PHE D 123 26.32 -13.90 -23.20
N LEU D 124 27.39 -13.17 -22.90
CA LEU D 124 27.37 -12.26 -21.75
C LEU D 124 26.41 -11.10 -21.94
N GLN D 125 26.24 -10.64 -23.18
CA GLN D 125 25.26 -9.59 -23.43
C GLN D 125 23.86 -10.13 -23.13
N LEU D 126 23.64 -11.40 -23.48
CA LEU D 126 22.38 -12.04 -23.16
C LEU D 126 22.15 -12.08 -21.63
N ALA D 127 23.20 -12.36 -20.89
CA ALA D 127 23.09 -12.39 -19.44
C ALA D 127 22.68 -11.03 -18.89
N MSE D 128 23.34 -9.99 -19.39
CA MSE D 128 22.97 -8.62 -19.06
C MSE D 128 21.54 -8.28 -19.40
O MSE D 128 20.83 -7.71 -18.57
CB MSE D 128 23.90 -7.66 -19.81
CG MSE D 128 25.30 -7.61 -19.23
SE MSE D 128 25.27 -7.06 -17.37
CE MSE D 128 24.12 -5.48 -17.47
N ASP D 129 21.11 -8.60 -20.63
CA ASP D 129 19.73 -8.37 -21.05
C ASP D 129 18.75 -9.07 -20.08
N HIS D 130 19.13 -10.25 -19.66
CA HIS D 130 18.30 -11.03 -18.78
C HIS D 130 18.18 -10.36 -17.41
N GLU D 131 19.32 -9.96 -16.85
CA GLU D 131 19.34 -9.16 -15.61
C GLU D 131 18.53 -7.87 -15.73
N ILE D 132 18.73 -7.12 -16.80
CA ILE D 132 18.03 -5.84 -16.98
C ILE D 132 16.53 -6.07 -17.08
N HIS D 133 16.16 -7.12 -17.82
CA HIS D 133 14.77 -7.51 -17.97
C HIS D 133 14.13 -7.78 -16.60
N HIS D 134 14.77 -8.60 -15.77
CA HIS D 134 14.18 -8.96 -14.49
C HIS D 134 14.22 -7.82 -13.48
N LYS D 135 15.25 -6.98 -13.56
CA LYS D 135 15.31 -5.81 -12.71
C LYS D 135 14.13 -4.88 -13.01
N GLY D 136 13.76 -4.81 -14.29
CA GLY D 136 12.59 -4.04 -14.67
C GLY D 136 11.35 -4.51 -13.94
N GLN D 137 11.20 -5.83 -13.86
CA GLN D 137 10.07 -6.43 -13.14
C GLN D 137 10.15 -6.17 -11.64
N LEU D 138 11.34 -6.33 -11.10
CA LEU D 138 11.57 -6.11 -9.69
C LEU D 138 11.11 -4.71 -9.30
N PHE D 139 11.31 -3.74 -10.19
CA PHE D 139 10.85 -2.38 -9.94
C PHE D 139 9.35 -2.34 -9.73
N VAL D 140 8.60 -3.13 -10.51
CA VAL D 140 7.16 -3.17 -10.34
C VAL D 140 6.79 -3.84 -9.02
N TYR D 141 7.44 -4.96 -8.71
CA TYR D 141 7.24 -5.62 -7.42
C TYR D 141 7.39 -4.65 -6.26
N VAL D 142 8.56 -4.03 -6.18
CA VAL D 142 8.88 -3.13 -5.06
C VAL D 142 7.89 -1.97 -4.89
N ARG D 143 7.47 -1.33 -5.99
CA ARG D 143 6.44 -0.29 -5.91
C ARG D 143 5.16 -0.88 -5.37
N GLY D 144 4.85 -2.09 -5.82
CA GLY D 144 3.66 -2.80 -5.36
C GLY D 144 3.65 -3.01 -3.85
N MSE D 145 4.83 -3.21 -3.26
CA MSE D 145 4.94 -3.43 -1.83
C MSE D 145 4.81 -2.12 -1.10
O MSE D 145 4.67 -2.10 0.13
CB MSE D 145 6.27 -4.06 -1.48
CG MSE D 145 6.52 -5.37 -2.16
SE MSE D 145 8.39 -5.89 -1.98
CE MSE D 145 8.36 -7.54 -2.98
N GLY D 146 4.88 -1.02 -1.84
CA GLY D 146 4.63 0.28 -1.25
C GLY D 146 5.77 1.26 -1.27
N HIS D 147 6.95 0.82 -1.70
CA HIS D 147 8.11 1.71 -1.74
C HIS D 147 8.03 2.65 -2.93
N THR D 148 8.26 3.94 -2.69
CA THR D 148 8.08 4.96 -3.73
C THR D 148 9.37 5.66 -4.10
N ASP D 149 10.35 5.64 -3.20
CA ASP D 149 11.63 6.27 -3.46
C ASP D 149 12.59 5.25 -4.07
N LEU D 150 12.58 5.15 -5.41
CA LEU D 150 13.36 4.13 -6.07
C LEU D 150 14.57 4.72 -6.81
N PRO D 151 15.67 3.96 -6.84
CA PRO D 151 16.90 4.36 -7.54
C PRO D 151 16.65 4.47 -9.03
N LEU D 152 17.50 5.18 -9.76
CA LEU D 152 17.47 5.14 -11.21
C LEU D 152 17.76 3.71 -11.62
N PHE D 153 17.16 3.26 -12.71
CA PHE D 153 17.30 1.86 -13.09
C PHE D 153 18.75 1.41 -13.32
N VAL D 154 19.64 2.37 -13.61
CA VAL D 154 21.06 2.07 -13.76
C VAL D 154 21.91 3.13 -13.07
N LYS D 155 23.01 2.71 -12.44
CA LYS D 155 23.98 3.62 -11.81
C LYS D 155 25.02 4.12 -12.80
NI NI E . -23.63 1.65 28.45
NI NI F . -17.74 2.98 8.31
NI NI G . 11.98 5.34 -18.86
NI NI H . 14.43 -15.41 -16.41
#